data_4P3P
#
_entry.id   4P3P
#
_cell.length_a   94.534
_cell.length_b   107.640
_cell.length_c   109.623
_cell.angle_alpha   90.000
_cell.angle_beta   90.000
_cell.angle_gamma   90.000
#
_symmetry.space_group_name_H-M   'P 21 21 21'
#
loop_
_entity.id
_entity.type
_entity.pdbx_description
1 polymer 'Threonine--tRNA ligase'
2 non-polymer 'ZINC ION'
3 non-polymer '(1R,2R)-2-[(2S,4E,6E,8R,9S,11R,13S,15S,16S)-7-cyano-8,16-dihydroxy-9,11,13,15-tetramethyl-18-oxooxacyclooctadeca-4,6-dien-2-yl]cyclopentanecarboxylic acid'
4 non-polymer GLYCEROL
5 water water
#
_entity_poly.entity_id   1
_entity_poly.type   'polypeptide(L)'
_entity_poly.pdbx_seq_one_letter_code
;MRDHRKIGKQLDLYHMQEEAPGMVFWHNDGWTIFRELEVFVRSKLKEYQYQEVKGPFMMDRVLWEKTGHWDNYKDAMFTT
SSENREYCIKPMNCPGHVQIFNQGLKSYRDLPLRMAEFGSCHRNEPSGSLHGLMRVRGFTQDDAHIFCTEEQIRDEVNGC
IRLVYDMYSTFGFEKIVVKLSTRPEKRIGSDEMWDRAEADLAVALEENNIPFEYQLGEGAFYGPKIEFTLYDCLDRAWQC
GTVQLDFSLPSRLSASYVGEDNERKVPVMIHRAILGSMERFIGILTEEFAGFFPTWLAPVQVVIMNITDSQSEYVNELTQ
KLSNAGIRVKADLRNEKIGFKIREHTLRRVPYMLVCGDKEVESGKVAVRTRRGKDLGSMDVNEVIEKLQQEIRSRSLKQL
EELEHHHHHH
;
_entity_poly.pdbx_strand_id   A,B
#
loop_
_chem_comp.id
_chem_comp.type
_chem_comp.name
_chem_comp.formula
2CR non-polymer '(1R,2R)-2-[(2S,4E,6E,8R,9S,11R,13S,15S,16S)-7-cyano-8,16-dihydroxy-9,11,13,15-tetramethyl-18-oxooxacyclooctadeca-4,6-dien-2-yl]cyclopentanecarboxylic acid' 'C28 H43 N O6'
GOL non-polymer GLYCEROL 'C3 H8 O3'
ZN non-polymer 'ZINC ION' 'Zn 2'
#
# COMPACT_ATOMS: atom_id res chain seq x y z
N ARG A 2 19.64 2.02 21.71
CA ARG A 2 18.28 2.57 21.73
C ARG A 2 18.19 3.77 20.81
N ASP A 3 19.01 3.78 19.77
CA ASP A 3 18.91 4.78 18.71
C ASP A 3 18.34 4.07 17.48
N HIS A 4 17.16 4.50 17.05
CA HIS A 4 16.46 3.85 15.94
C HIS A 4 17.22 3.99 14.63
N ARG A 5 18.11 4.98 14.58
CA ARG A 5 18.95 5.19 13.41
C ARG A 5 20.06 4.14 13.37
N LYS A 6 20.69 3.91 14.52
CA LYS A 6 21.71 2.87 14.66
C LYS A 6 21.14 1.48 14.38
N ILE A 7 20.04 1.15 15.05
CA ILE A 7 19.38 -0.13 14.87
C ILE A 7 18.91 -0.26 13.43
N GLY A 8 18.39 0.83 12.88
CA GLY A 8 17.96 0.86 11.50
C GLY A 8 19.09 0.52 10.55
N LYS A 9 20.27 1.09 10.76
CA LYS A 9 21.43 0.73 9.96
C LYS A 9 21.87 -0.72 10.18
N GLN A 10 21.91 -1.15 11.41
CA GLN A 10 22.33 -2.50 11.75
C GLN A 10 21.42 -3.55 11.11
N LEU A 11 20.13 -3.28 11.07
CA LEU A 11 19.17 -4.23 10.52
C LEU A 11 18.83 -3.98 9.05
N ASP A 12 19.46 -2.97 8.46
CA ASP A 12 19.30 -2.68 7.04
C ASP A 12 17.85 -2.32 6.68
N LEU A 13 17.22 -1.57 7.58
CA LEU A 13 15.82 -1.18 7.39
C LEU A 13 15.65 -0.03 6.39
N TYR A 14 16.46 1.01 6.52
CA TYR A 14 16.31 2.18 5.68
C TYR A 14 17.63 2.97 5.63
N HIS A 15 17.63 4.04 4.85
CA HIS A 15 18.74 4.99 4.84
C HIS A 15 18.24 6.33 4.31
N MET A 16 19.00 7.39 4.58
CA MET A 16 18.63 8.71 4.09
C MET A 16 19.84 9.42 3.48
N GLN A 17 19.59 10.30 2.52
CA GLN A 17 20.66 10.97 1.80
C GLN A 17 20.46 12.48 1.77
N GLU A 18 21.53 13.21 1.49
CA GLU A 18 21.47 14.66 1.45
C GLU A 18 20.76 15.18 0.19
N GLU A 19 20.61 14.33 -0.81
CA GLU A 19 19.85 14.69 -2.01
C GLU A 19 18.34 14.60 -1.76
N ALA A 20 17.96 14.00 -0.64
CA ALA A 20 16.58 13.99 -0.19
C ALA A 20 16.48 14.12 1.33
N PRO A 21 16.74 15.34 1.85
CA PRO A 21 16.68 15.58 3.29
C PRO A 21 15.29 15.32 3.87
N GLY A 22 15.23 14.60 4.99
CA GLY A 22 13.95 14.33 5.65
C GLY A 22 13.07 13.37 4.87
N MET A 23 13.66 12.65 3.93
CA MET A 23 12.95 11.71 3.11
C MET A 23 13.52 10.32 3.02
N VAL A 24 12.75 9.34 3.46
CA VAL A 24 13.26 8.00 3.70
C VAL A 24 13.38 7.14 2.44
N PHE A 25 14.49 6.42 2.33
CA PHE A 25 14.61 5.35 1.36
C PHE A 25 14.37 4.08 2.15
N TRP A 26 13.24 3.42 1.91
CA TRP A 26 12.94 2.19 2.65
C TRP A 26 13.53 0.99 1.95
N HIS A 27 14.44 0.30 2.62
CA HIS A 27 15.01 -0.92 2.09
C HIS A 27 13.97 -2.03 2.25
N ASN A 28 14.30 -3.24 1.81
CA ASN A 28 13.33 -4.35 1.83
C ASN A 28 12.76 -4.66 3.21
N ASP A 29 13.64 -4.80 4.20
CA ASP A 29 13.23 -5.20 5.54
C ASP A 29 12.38 -4.15 6.27
N GLY A 30 12.88 -2.91 6.29
CA GLY A 30 12.14 -1.80 6.86
C GLY A 30 10.79 -1.64 6.19
N TRP A 31 10.78 -1.77 4.86
CA TRP A 31 9.54 -1.68 4.11
C TRP A 31 8.60 -2.81 4.46
N THR A 32 9.16 -3.96 4.81
CA THR A 32 8.35 -5.10 5.24
C THR A 32 7.66 -4.75 6.57
N ILE A 33 8.42 -4.17 7.49
CA ILE A 33 7.83 -3.68 8.73
C ILE A 33 6.68 -2.70 8.45
N PHE A 34 6.95 -1.70 7.60
CA PHE A 34 5.95 -0.72 7.20
C PHE A 34 4.69 -1.39 6.68
N ARG A 35 4.86 -2.35 5.78
CA ARG A 35 3.72 -3.03 5.16
C ARG A 35 2.91 -3.84 6.16
N GLU A 36 3.58 -4.47 7.12
CA GLU A 36 2.86 -5.15 8.19
C GLU A 36 2.04 -4.15 9.01
N LEU A 37 2.64 -2.98 9.28
CA LEU A 37 1.89 -1.90 9.93
C LEU A 37 0.62 -1.57 9.14
N GLU A 38 0.78 -1.39 7.83
CA GLU A 38 -0.33 -1.14 6.93
C GLU A 38 -1.43 -2.20 7.06
N VAL A 39 -1.02 -3.46 7.05
CA VAL A 39 -1.94 -4.59 7.18
C VAL A 39 -2.74 -4.49 8.49
N PHE A 40 -2.04 -4.26 9.59
CA PHE A 40 -2.71 -4.12 10.90
C PHE A 40 -3.75 -2.98 10.88
N VAL A 41 -3.31 -1.80 10.45
CA VAL A 41 -4.21 -0.65 10.36
C VAL A 41 -5.42 -0.99 9.50
N ARG A 42 -5.22 -1.69 8.40
CA ARG A 42 -6.31 -2.06 7.51
C ARG A 42 -7.30 -3.04 8.16
N SER A 43 -6.77 -3.94 8.98
CA SER A 43 -7.65 -4.81 9.77
C SER A 43 -8.49 -3.94 10.70
N LYS A 44 -7.87 -2.93 11.29
CA LYS A 44 -8.65 -2.01 12.14
C LYS A 44 -9.71 -1.22 11.36
N LEU A 45 -9.38 -0.82 10.14
CA LEU A 45 -10.29 -0.05 9.28
C LEU A 45 -11.49 -0.90 8.91
N LYS A 46 -11.24 -2.16 8.62
CA LYS A 46 -12.29 -3.08 8.40
C LYS A 46 -13.16 -3.19 9.63
N GLU A 47 -12.55 -3.55 10.73
CA GLU A 47 -13.28 -3.78 11.98
C GLU A 47 -14.14 -2.58 12.39
N TYR A 48 -13.55 -1.39 12.35
CA TYR A 48 -14.23 -0.17 12.82
C TYR A 48 -15.03 0.52 11.71
N GLN A 49 -15.10 -0.13 10.55
CA GLN A 49 -15.88 0.36 9.40
C GLN A 49 -15.43 1.74 8.90
N TYR A 50 -14.21 1.79 8.37
CA TYR A 50 -13.71 2.97 7.70
C TYR A 50 -13.58 2.66 6.21
N GLN A 51 -13.91 3.62 5.35
CA GLN A 51 -13.55 3.50 3.95
C GLN A 51 -12.06 3.72 3.85
N GLU A 52 -11.44 3.23 2.78
CA GLU A 52 -10.06 3.62 2.48
C GLU A 52 -9.99 4.24 1.10
N VAL A 53 -9.46 5.46 1.03
CA VAL A 53 -9.38 6.16 -0.25
C VAL A 53 -7.93 6.58 -0.54
N LYS A 54 -7.72 7.18 -1.71
CA LYS A 54 -6.43 7.76 -2.06
C LYS A 54 -6.62 9.12 -2.71
N GLY A 55 -6.04 10.16 -2.11
CA GLY A 55 -6.14 11.49 -2.66
C GLY A 55 -4.97 11.82 -3.57
N PRO A 56 -5.11 12.88 -4.39
CA PRO A 56 -4.04 13.32 -5.28
C PRO A 56 -2.85 13.92 -4.52
N PHE A 57 -1.67 13.77 -5.10
N PHE A 57 -1.65 13.77 -5.06
CA PHE A 57 -0.41 14.17 -4.48
CA PHE A 57 -0.46 14.21 -4.34
C PHE A 57 -0.31 15.68 -4.30
C PHE A 57 -0.31 15.72 -4.27
N MET A 58 -0.95 16.42 -5.20
CA MET A 58 -0.90 17.87 -5.18
C MET A 58 -2.22 18.46 -5.67
N MET A 59 -2.52 19.68 -5.23
CA MET A 59 -3.74 20.35 -5.71
C MET A 59 -3.50 21.83 -5.96
N ASP A 60 -4.38 22.46 -6.73
CA ASP A 60 -4.20 23.85 -7.13
C ASP A 60 -4.12 24.76 -5.91
N ARG A 61 -3.35 25.84 -6.03
CA ARG A 61 -3.12 26.76 -4.93
C ARG A 61 -4.42 27.37 -4.39
N VAL A 62 -5.39 27.58 -5.29
CA VAL A 62 -6.67 28.16 -4.92
C VAL A 62 -7.37 27.36 -3.82
N LEU A 63 -7.33 26.06 -3.94
CA LEU A 63 -7.82 25.13 -2.98
C LEU A 63 -7.19 25.33 -1.60
N TRP A 64 -5.89 25.40 -1.58
CA TRP A 64 -5.14 25.54 -0.33
C TRP A 64 -5.30 26.94 0.26
N GLU A 65 -5.74 27.88 -0.58
CA GLU A 65 -6.16 29.19 -0.09
C GLU A 65 -7.50 29.05 0.62
N LYS A 66 -8.42 28.33 -0.02
CA LYS A 66 -9.76 28.14 0.55
C LYS A 66 -9.76 27.38 1.88
N THR A 67 -8.85 26.41 2.01
CA THR A 67 -8.72 25.64 3.24
C THR A 67 -8.12 26.48 4.36
N GLY A 68 -7.30 27.46 3.98
CA GLY A 68 -6.62 28.28 4.96
C GLY A 68 -5.14 28.00 5.09
N HIS A 69 -4.67 26.95 4.41
CA HIS A 69 -3.25 26.59 4.44
C HIS A 69 -2.36 27.69 3.90
N TRP A 70 -2.84 28.44 2.92
CA TRP A 70 -2.03 29.51 2.41
C TRP A 70 -1.75 30.56 3.46
N ASP A 71 -2.74 30.86 4.25
CA ASP A 71 -2.60 31.74 5.39
C ASP A 71 -1.82 31.19 6.57
N ASN A 72 -2.02 29.96 6.93
CA ASN A 72 -1.39 29.44 8.11
C ASN A 72 -0.38 28.36 7.86
N TYR A 73 -0.37 27.77 6.69
CA TYR A 73 0.61 26.72 6.35
C TYR A 73 1.73 27.08 5.35
N LYS A 74 1.73 28.30 4.83
CA LYS A 74 2.50 28.65 3.62
C LYS A 74 3.98 28.23 3.59
N ASP A 75 4.72 28.52 4.66
CA ASP A 75 6.14 28.19 4.72
C ASP A 75 6.38 26.68 4.76
N ALA A 76 5.41 25.93 5.25
CA ALA A 76 5.54 24.49 5.39
C ALA A 76 5.25 23.74 4.09
N MET A 77 4.69 24.43 3.09
CA MET A 77 4.25 23.78 1.87
C MET A 77 5.23 23.87 0.70
N PHE A 78 5.41 22.75 0.01
CA PHE A 78 6.17 22.72 -1.24
C PHE A 78 5.26 23.14 -2.38
N THR A 79 5.73 24.09 -3.20
CA THR A 79 4.97 24.53 -4.36
C THR A 79 5.67 24.11 -5.64
N THR A 80 4.89 23.80 -6.66
CA THR A 80 5.42 23.45 -7.98
C THR A 80 4.41 23.98 -9.00
N SER A 81 4.77 24.15 -10.22
CA SER A 81 3.82 24.65 -11.13
C SER A 81 3.73 23.93 -12.45
N SER A 82 2.61 24.09 -13.12
CA SER A 82 2.41 23.57 -14.47
C SER A 82 1.53 24.50 -15.27
N GLU A 83 1.94 24.82 -16.49
CA GLU A 83 1.16 25.61 -17.42
C GLU A 83 0.59 26.89 -16.79
N ASN A 84 1.47 27.64 -16.13
CA ASN A 84 1.13 28.90 -15.48
C ASN A 84 0.12 28.76 -14.34
N ARG A 85 0.13 27.61 -13.69
CA ARG A 85 -0.72 27.39 -12.52
C ARG A 85 0.09 26.81 -11.37
N GLU A 86 -0.10 27.39 -10.18
CA GLU A 86 0.59 26.94 -8.98
C GLU A 86 -0.15 25.80 -8.29
N TYR A 87 0.63 24.84 -7.81
CA TYR A 87 0.11 23.69 -7.11
C TYR A 87 0.91 23.51 -5.82
N CYS A 88 0.22 23.07 -4.78
CA CYS A 88 0.89 22.68 -3.55
C CYS A 88 0.87 21.18 -3.40
N ILE A 89 2.03 20.62 -3.06
CA ILE A 89 2.13 19.23 -2.65
C ILE A 89 1.47 19.15 -1.29
N LYS A 90 0.56 18.18 -1.10
CA LYS A 90 -0.29 18.16 0.09
C LYS A 90 0.43 17.89 1.41
N PRO A 91 0.37 18.87 2.33
CA PRO A 91 0.77 18.73 3.73
C PRO A 91 -0.23 17.87 4.50
N MET A 92 -1.48 17.85 4.03
CA MET A 92 -2.56 17.13 4.72
C MET A 92 -3.51 16.44 3.72
N ASN A 93 -4.17 15.38 4.18
CA ASN A 93 -5.12 14.65 3.34
C ASN A 93 -6.57 15.11 3.45
N CYS A 94 -6.86 15.98 4.41
CA CYS A 94 -8.23 16.40 4.72
C CYS A 94 -9.02 17.02 3.54
N PRO A 95 -8.45 18.03 2.87
CA PRO A 95 -9.19 18.65 1.77
C PRO A 95 -9.52 17.66 0.66
N GLY A 96 -8.62 16.74 0.35
CA GLY A 96 -8.88 15.73 -0.66
C GLY A 96 -10.05 14.84 -0.28
N HIS A 97 -10.09 14.47 1.00
CA HIS A 97 -11.17 13.67 1.54
C HIS A 97 -12.50 14.42 1.43
N VAL A 98 -12.49 15.72 1.72
CA VAL A 98 -13.70 16.52 1.56
C VAL A 98 -14.12 16.57 0.08
N GLN A 99 -13.13 16.66 -0.81
CA GLN A 99 -13.38 16.67 -2.24
C GLN A 99 -14.07 15.38 -2.67
N ILE A 100 -13.64 14.26 -2.10
CA ILE A 100 -14.29 12.98 -2.37
C ILE A 100 -15.72 12.95 -1.81
N PHE A 101 -15.88 13.47 -0.59
CA PHE A 101 -17.20 13.56 0.04
C PHE A 101 -18.16 14.35 -0.84
N ASN A 102 -17.68 15.43 -1.42
CA ASN A 102 -18.51 16.33 -2.22
C ASN A 102 -19.02 15.73 -3.54
N GLN A 103 -18.51 14.55 -3.90
CA GLN A 103 -18.97 13.90 -5.11
C GLN A 103 -20.24 13.09 -4.82
N GLY A 104 -21.33 13.48 -5.46
CA GLY A 104 -22.62 12.86 -5.23
C GLY A 104 -23.36 13.53 -4.10
N LEU A 105 -24.69 13.53 -4.17
CA LEU A 105 -25.51 14.10 -3.11
C LEU A 105 -25.50 13.20 -1.88
N LYS A 106 -25.27 13.80 -0.72
CA LYS A 106 -25.24 13.07 0.54
C LYS A 106 -26.50 13.36 1.34
N SER A 107 -26.96 12.35 2.07
CA SER A 107 -28.06 12.55 3.00
C SER A 107 -27.61 12.08 4.39
N TYR A 108 -28.48 12.22 5.38
CA TYR A 108 -28.17 11.82 6.76
C TYR A 108 -28.00 10.32 6.85
N ARG A 109 -28.61 9.61 5.90
CA ARG A 109 -28.54 8.16 5.85
C ARG A 109 -27.12 7.71 5.49
N ASP A 110 -26.35 8.60 4.89
CA ASP A 110 -24.97 8.28 4.52
C ASP A 110 -24.03 8.55 5.69
N LEU A 111 -24.57 9.00 6.81
CA LEU A 111 -23.76 9.40 7.95
C LEU A 111 -24.02 8.47 9.14
N PRO A 112 -22.98 8.22 9.96
CA PRO A 112 -21.61 8.72 9.84
C PRO A 112 -20.85 8.11 8.65
N LEU A 113 -20.02 8.93 8.00
CA LEU A 113 -19.17 8.48 6.89
C LEU A 113 -17.71 8.56 7.33
N ARG A 114 -17.07 7.41 7.44
CA ARG A 114 -15.69 7.36 7.90
C ARG A 114 -14.75 7.07 6.74
N MET A 115 -13.78 7.97 6.55
CA MET A 115 -12.92 7.91 5.37
C MET A 115 -11.45 7.92 5.77
N ALA A 116 -10.74 6.84 5.48
CA ALA A 116 -9.34 6.72 5.86
C ALA A 116 -8.41 6.65 4.66
N GLU A 117 -7.17 7.06 4.87
CA GLU A 117 -6.13 6.99 3.86
C GLU A 117 -4.81 6.85 4.59
N PHE A 118 -3.86 6.21 3.95
CA PHE A 118 -2.46 6.25 4.29
C PHE A 118 -1.85 7.42 3.52
N GLY A 119 -1.93 8.56 4.13
CA GLY A 119 -1.76 9.77 3.38
C GLY A 119 -0.34 10.23 3.30
N SER A 120 0.18 10.36 2.10
CA SER A 120 1.49 10.87 1.87
C SER A 120 1.49 12.37 1.93
N CYS A 121 2.12 12.89 2.94
CA CYS A 121 2.22 14.28 3.16
C CYS A 121 3.65 14.80 3.12
N HIS A 122 3.79 16.00 2.61
CA HIS A 122 5.06 16.66 2.56
C HIS A 122 4.96 18.05 3.16
N ARG A 123 5.89 18.29 4.06
CA ARG A 123 6.02 19.48 4.79
C ARG A 123 7.46 19.96 4.72
N ASN A 124 7.65 21.22 4.43
CA ASN A 124 8.97 21.76 4.27
C ASN A 124 9.58 22.14 5.61
N GLU A 125 9.95 21.14 6.39
CA GLU A 125 10.54 21.37 7.67
C GLU A 125 12.00 21.87 7.53
N PRO A 126 12.43 22.72 8.44
CA PRO A 126 13.80 23.22 8.41
C PRO A 126 14.80 22.08 8.54
N SER A 127 15.87 22.12 7.79
CA SER A 127 16.82 21.00 7.70
C SER A 127 17.45 20.71 9.05
N GLY A 128 17.68 21.76 9.83
CA GLY A 128 18.32 21.66 11.11
C GLY A 128 17.49 20.95 12.17
N SER A 129 16.17 20.90 11.96
CA SER A 129 15.28 20.25 12.91
C SER A 129 15.05 18.77 12.56
N LEU A 130 15.60 18.35 11.42
CA LEU A 130 15.39 16.99 10.93
C LEU A 130 16.14 15.96 11.75
N HIS A 131 15.41 14.97 12.26
CA HIS A 131 16.02 13.86 12.99
C HIS A 131 15.43 12.52 12.56
N GLY A 132 16.28 11.67 11.99
CA GLY A 132 15.93 10.28 11.73
C GLY A 132 14.60 10.03 11.03
N LEU A 133 13.85 9.08 11.57
CA LEU A 133 12.50 8.79 11.10
C LEU A 133 11.47 9.68 11.80
N MET A 134 11.89 10.39 12.81
CA MET A 134 11.03 11.10 13.73
C MET A 134 10.62 12.49 13.40
N ARG A 135 11.52 13.25 12.86
CA ARG A 135 11.18 14.54 12.24
C ARG A 135 11.65 14.54 10.78
N VAL A 136 10.70 14.55 9.88
CA VAL A 136 10.92 14.32 8.46
C VAL A 136 10.18 15.31 7.57
N ARG A 137 10.63 15.46 6.37
CA ARG A 137 9.93 16.08 5.30
C ARG A 137 8.75 15.37 4.59
N GLY A 138 8.90 14.09 4.36
CA GLY A 138 7.92 13.27 3.69
C GLY A 138 7.53 12.15 4.60
N PHE A 139 6.25 11.94 4.77
CA PHE A 139 5.74 10.95 5.70
C PHE A 139 4.34 10.44 5.36
N THR A 140 3.93 9.41 6.04
CA THR A 140 2.63 8.83 5.85
C THR A 140 1.83 8.72 7.12
N GLN A 141 0.69 9.34 7.15
CA GLN A 141 -0.21 9.39 8.30
C GLN A 141 -1.21 8.26 8.22
N ASP A 142 -1.60 7.73 9.36
CA ASP A 142 -2.79 6.88 9.46
C ASP A 142 -4.00 7.74 9.66
N ASP A 143 -4.34 8.46 8.62
CA ASP A 143 -5.24 9.57 8.66
C ASP A 143 -6.65 9.16 8.31
N ALA A 144 -7.61 9.81 8.95
CA ALA A 144 -9.01 9.59 8.69
C ALA A 144 -9.89 10.77 9.05
N HIS A 145 -11.08 10.80 8.50
CA HIS A 145 -12.01 11.86 8.78
C HIS A 145 -13.40 11.30 8.83
N ILE A 146 -14.12 11.66 9.89
CA ILE A 146 -15.48 11.22 10.08
C ILE A 146 -16.42 12.39 9.85
N PHE A 147 -17.35 12.20 8.93
CA PHE A 147 -18.39 13.18 8.67
C PHE A 147 -19.65 12.69 9.38
N CYS A 148 -20.16 13.45 10.34
CA CYS A 148 -21.35 13.01 11.06
C CYS A 148 -22.27 14.16 11.44
N THR A 149 -23.40 13.78 12.03
CA THR A 149 -24.31 14.73 12.66
C THR A 149 -23.76 15.09 14.04
N GLU A 150 -24.19 16.24 14.56
CA GLU A 150 -23.90 16.61 15.93
C GLU A 150 -24.29 15.47 16.87
N GLU A 151 -25.50 14.97 16.72
CA GLU A 151 -26.00 13.88 17.54
C GLU A 151 -25.11 12.64 17.51
N GLN A 152 -24.37 12.45 16.43
CA GLN A 152 -23.46 11.30 16.32
C GLN A 152 -22.10 11.50 17.00
N ILE A 153 -21.72 12.76 17.22
CA ILE A 153 -20.33 13.09 17.56
C ILE A 153 -19.80 12.22 18.69
N ARG A 154 -20.53 12.22 19.81
CA ARG A 154 -20.12 11.49 21.00
C ARG A 154 -19.77 10.06 20.64
N ASP A 155 -20.72 9.38 20.00
CA ASP A 155 -20.53 7.97 19.69
C ASP A 155 -19.24 7.80 18.91
N GLU A 156 -19.08 8.62 17.87
CA GLU A 156 -17.92 8.51 17.01
C GLU A 156 -16.65 8.72 17.82
N VAL A 157 -16.66 9.72 18.70
CA VAL A 157 -15.50 9.97 19.55
C VAL A 157 -15.18 8.70 20.33
N ASN A 158 -16.21 8.11 20.89
CA ASN A 158 -16.08 6.92 21.67
C ASN A 158 -15.45 5.87 20.81
N GLY A 159 -15.84 5.79 19.57
CA GLY A 159 -15.23 4.87 18.65
C GLY A 159 -13.74 5.08 18.43
N CYS A 160 -13.31 6.32 18.32
CA CYS A 160 -11.94 6.63 18.18
C CYS A 160 -11.12 6.26 19.42
N ILE A 161 -11.69 6.51 20.57
CA ILE A 161 -11.03 6.25 21.80
C ILE A 161 -10.77 4.77 21.89
N ARG A 162 -11.74 3.97 21.55
CA ARG A 162 -11.59 2.54 21.62
C ARG A 162 -10.52 2.15 20.67
N LEU A 163 -10.52 2.70 19.47
CA LEU A 163 -9.53 2.36 18.49
C LEU A 163 -8.11 2.65 18.98
N VAL A 164 -7.93 3.79 19.62
CA VAL A 164 -6.62 4.19 20.12
C VAL A 164 -6.13 3.11 21.06
N TYR A 165 -6.92 2.86 22.10
CA TYR A 165 -6.47 1.97 23.16
C TYR A 165 -6.35 0.56 22.62
N ASP A 166 -7.11 0.26 21.58
CA ASP A 166 -6.96 -1.02 20.93
C ASP A 166 -5.55 -1.07 20.39
N MET A 167 -5.25 -0.14 19.50
CA MET A 167 -4.07 -0.25 18.66
C MET A 167 -2.78 -0.18 19.46
N TYR A 168 -2.68 0.84 20.30
CA TYR A 168 -1.55 0.99 21.21
C TYR A 168 -1.34 -0.32 21.99
N SER A 169 -2.43 -0.94 22.43
CA SER A 169 -2.33 -2.16 23.25
C SER A 169 -1.58 -3.26 22.50
N THR A 170 -1.76 -3.30 21.18
CA THR A 170 -1.12 -4.34 20.37
C THR A 170 0.40 -4.22 20.45
N PHE A 171 0.90 -3.00 20.62
CA PHE A 171 2.33 -2.75 20.63
C PHE A 171 2.91 -2.80 22.05
N GLY A 172 2.03 -3.00 23.02
CA GLY A 172 2.45 -3.10 24.40
C GLY A 172 2.56 -1.75 25.08
N PHE A 173 1.87 -0.73 24.55
CA PHE A 173 1.80 0.50 25.29
C PHE A 173 0.44 0.56 25.94
N GLU A 174 0.41 0.29 27.24
CA GLU A 174 -0.77 0.50 28.06
C GLU A 174 -0.79 1.74 28.96
N LYS A 175 0.28 2.51 28.96
CA LYS A 175 0.31 3.74 29.76
C LYS A 175 0.05 4.92 28.84
N ILE A 176 -1.12 5.51 28.98
CA ILE A 176 -1.59 6.54 28.07
C ILE A 176 -2.17 7.73 28.83
N VAL A 177 -1.78 8.94 28.42
CA VAL A 177 -2.33 10.17 28.97
C VAL A 177 -3.17 10.87 27.90
N VAL A 178 -4.38 11.28 28.25
CA VAL A 178 -5.26 11.96 27.29
C VAL A 178 -5.46 13.42 27.71
N LYS A 179 -5.23 14.33 26.78
CA LYS A 179 -5.43 15.76 27.06
C LYS A 179 -6.52 16.36 26.19
N LEU A 180 -7.50 16.98 26.83
CA LEU A 180 -8.60 17.63 26.13
C LEU A 180 -8.34 19.14 26.07
N SER A 181 -8.09 19.64 24.88
CA SER A 181 -7.89 21.07 24.67
C SER A 181 -9.20 21.74 24.25
N THR A 182 -9.58 22.76 25.04
CA THR A 182 -10.84 23.46 24.89
C THR A 182 -10.68 24.81 24.20
N ARG A 183 -11.79 25.54 24.10
CA ARG A 183 -11.87 26.76 23.29
C ARG A 183 -10.89 27.89 23.63
N PRO A 184 -10.24 28.44 22.60
CA PRO A 184 -9.48 29.68 22.71
C PRO A 184 -10.42 30.87 22.83
N GLU A 185 -9.92 32.02 23.27
CA GLU A 185 -10.75 33.22 23.48
C GLU A 185 -11.53 33.66 22.23
N LYS A 186 -10.96 33.42 21.06
CA LYS A 186 -11.61 33.72 19.79
C LYS A 186 -11.62 32.46 18.93
N ARG A 187 -12.77 32.12 18.37
CA ARG A 187 -12.89 30.86 17.64
C ARG A 187 -13.96 30.88 16.54
N ILE A 188 -13.84 29.93 15.62
CA ILE A 188 -14.91 29.65 14.66
C ILE A 188 -15.89 28.72 15.34
N GLY A 189 -17.17 28.94 15.11
CA GLY A 189 -18.21 28.13 15.74
C GLY A 189 -18.81 28.83 16.94
N SER A 190 -20.09 28.57 17.18
CA SER A 190 -20.84 29.21 18.26
C SER A 190 -20.46 28.62 19.62
N ASP A 191 -20.73 29.38 20.68
CA ASP A 191 -20.53 28.90 22.05
C ASP A 191 -21.26 27.59 22.29
N GLU A 192 -22.42 27.45 21.66
CA GLU A 192 -23.26 26.27 21.83
C GLU A 192 -22.61 25.04 21.21
N MET A 193 -22.17 25.18 19.96
CA MET A 193 -21.47 24.11 19.25
C MET A 193 -20.27 23.62 20.06
N TRP A 194 -19.54 24.55 20.66
CA TRP A 194 -18.37 24.23 21.45
C TRP A 194 -18.72 23.55 22.78
N ASP A 195 -19.75 24.04 23.45
CA ASP A 195 -20.24 23.38 24.66
C ASP A 195 -20.56 21.92 24.34
N ARG A 196 -21.34 21.73 23.28
CA ARG A 196 -21.73 20.39 22.86
C ARG A 196 -20.54 19.48 22.52
N ALA A 197 -19.61 19.98 21.71
CA ALA A 197 -18.45 19.18 21.31
C ALA A 197 -17.51 18.83 22.48
N GLU A 198 -17.16 19.84 23.26
CA GLU A 198 -16.31 19.63 24.43
C GLU A 198 -16.95 18.65 25.42
N ALA A 199 -18.25 18.82 25.64
CA ALA A 199 -18.98 17.88 26.51
C ALA A 199 -18.95 16.47 25.92
N ASP A 200 -19.06 16.38 24.60
CA ASP A 200 -18.99 15.09 23.93
C ASP A 200 -17.65 14.39 24.16
N LEU A 201 -16.58 15.15 24.03
CA LEU A 201 -15.24 14.62 24.28
C LEU A 201 -15.09 14.16 25.73
N ALA A 202 -15.40 15.06 26.67
CA ALA A 202 -15.28 14.75 28.10
C ALA A 202 -16.08 13.51 28.50
N VAL A 203 -17.34 13.47 28.09
CA VAL A 203 -18.22 12.34 28.40
C VAL A 203 -17.74 11.05 27.75
N ALA A 204 -17.30 11.14 26.49
CA ALA A 204 -16.77 9.97 25.80
C ALA A 204 -15.58 9.40 26.57
N LEU A 205 -14.73 10.29 27.07
CA LEU A 205 -13.60 9.86 27.89
C LEU A 205 -14.05 9.22 29.21
N GLU A 206 -14.95 9.87 29.91
CA GLU A 206 -15.44 9.34 31.17
C GLU A 206 -16.18 8.04 31.06
N GLU A 207 -16.81 7.77 29.95
CA GLU A 207 -17.51 6.51 29.69
C GLU A 207 -16.50 5.37 29.53
N ASN A 208 -15.31 5.72 29.04
CA ASN A 208 -14.23 4.76 28.88
C ASN A 208 -13.38 4.70 30.14
N ASN A 209 -13.84 5.41 31.14
CA ASN A 209 -13.12 5.51 32.37
C ASN A 209 -11.73 6.04 32.33
N ILE A 210 -11.56 7.13 31.64
CA ILE A 210 -10.25 7.73 31.43
C ILE A 210 -10.13 9.07 32.15
N PRO A 211 -9.19 9.17 33.10
CA PRO A 211 -8.96 10.40 33.85
C PRO A 211 -8.18 11.42 33.02
N PHE A 212 -8.84 12.06 32.07
CA PHE A 212 -8.15 12.98 31.17
C PHE A 212 -7.70 14.27 31.84
N GLU A 213 -6.69 14.90 31.26
CA GLU A 213 -6.21 16.18 31.74
C GLU A 213 -6.75 17.29 30.83
N TYR A 214 -7.12 18.41 31.44
CA TYR A 214 -7.61 19.54 30.67
C TYR A 214 -6.48 20.48 30.28
N GLN A 215 -6.43 20.84 29.00
CA GLN A 215 -5.63 21.98 28.58
CA GLN A 215 -5.63 21.97 28.57
C GLN A 215 -6.64 23.05 28.22
N LEU A 216 -6.73 24.07 29.07
CA LEU A 216 -7.79 25.07 28.93
C LEU A 216 -7.40 26.19 27.98
N GLY A 217 -8.22 26.37 26.96
CA GLY A 217 -7.99 27.43 25.98
C GLY A 217 -6.94 27.06 24.96
N GLU A 218 -6.49 25.81 24.98
CA GLU A 218 -5.43 25.37 24.09
C GLU A 218 -5.91 24.71 22.80
N GLY A 219 -7.23 24.66 22.62
CA GLY A 219 -7.78 24.14 21.39
C GLY A 219 -7.50 25.06 20.21
N ALA A 220 -7.63 24.52 19.01
CA ALA A 220 -7.47 25.30 17.79
C ALA A 220 -8.67 26.21 17.56
N PHE A 221 -8.50 27.25 16.73
CA PHE A 221 -9.61 28.15 16.44
C PHE A 221 -10.77 27.47 15.71
N TYR A 222 -10.47 26.38 15.01
CA TYR A 222 -11.47 25.64 14.25
C TYR A 222 -12.17 24.51 15.03
N GLY A 223 -11.66 24.16 16.21
CA GLY A 223 -12.33 23.17 17.03
C GLY A 223 -11.57 22.64 18.24
N PRO A 224 -12.30 22.02 19.19
CA PRO A 224 -11.71 21.41 20.39
C PRO A 224 -11.05 20.10 20.03
N LYS A 225 -10.17 19.56 20.89
CA LYS A 225 -9.54 18.29 20.53
C LYS A 225 -9.18 17.44 21.74
N ILE A 226 -8.93 16.16 21.51
CA ILE A 226 -8.26 15.34 22.50
C ILE A 226 -7.02 14.71 21.87
N GLU A 227 -5.97 14.57 22.66
CA GLU A 227 -4.71 14.02 22.18
C GLU A 227 -4.23 12.90 23.10
N PHE A 228 -3.60 11.91 22.49
CA PHE A 228 -3.19 10.70 23.18
C PHE A 228 -1.66 10.57 23.20
N THR A 229 -1.13 10.44 24.41
CA THR A 229 0.31 10.34 24.62
C THR A 229 0.65 8.98 25.23
N LEU A 230 1.42 8.18 24.50
CA LEU A 230 1.82 6.86 24.97
C LEU A 230 3.20 6.89 25.63
N TYR A 231 3.37 6.09 26.67
CA TYR A 231 4.67 5.98 27.32
C TYR A 231 5.35 4.66 26.97
N ASP A 232 6.60 4.73 26.53
CA ASP A 232 7.34 3.53 26.18
C ASP A 232 7.99 2.85 27.39
N CYS A 233 8.82 1.85 27.15
CA CYS A 233 9.43 1.08 28.22
C CYS A 233 10.41 1.91 29.05
N LEU A 234 10.91 2.99 28.46
CA LEU A 234 11.83 3.89 29.15
C LEU A 234 11.06 5.01 29.85
N ASP A 235 9.74 4.93 29.77
CA ASP A 235 8.83 5.91 30.38
C ASP A 235 8.96 7.32 29.80
N ARG A 236 9.40 7.41 28.54
CA ARG A 236 9.39 8.68 27.84
C ARG A 236 8.12 8.83 27.00
N ALA A 237 7.57 10.04 26.98
CA ALA A 237 6.28 10.31 26.38
C ALA A 237 6.36 10.56 24.87
N TRP A 238 5.43 9.95 24.14
CA TRP A 238 5.27 10.18 22.71
C TRP A 238 3.84 10.56 22.43
N GLN A 239 3.61 11.79 22.00
CA GLN A 239 2.25 12.19 21.62
C GLN A 239 2.02 11.68 20.19
N CYS A 240 0.98 10.87 20.03
CA CYS A 240 0.74 10.20 18.75
C CYS A 240 -0.66 10.42 18.21
N GLY A 241 -1.66 9.93 18.93
CA GLY A 241 -3.03 10.02 18.45
C GLY A 241 -3.71 11.35 18.69
N THR A 242 -4.64 11.69 17.81
CA THR A 242 -5.50 12.86 17.99
C THR A 242 -6.91 12.63 17.43
N VAL A 243 -7.87 13.23 18.13
CA VAL A 243 -9.24 13.37 17.65
C VAL A 243 -9.57 14.85 17.72
N GLN A 244 -9.80 15.46 16.57
CA GLN A 244 -9.90 16.91 16.45
C GLN A 244 -11.15 17.35 15.69
N LEU A 245 -12.05 18.07 16.36
CA LEU A 245 -13.25 18.58 15.72
C LEU A 245 -12.88 19.76 14.83
N ASP A 246 -13.46 19.83 13.64
CA ASP A 246 -13.19 20.94 12.73
C ASP A 246 -14.48 21.58 12.23
N PHE A 247 -14.75 22.82 12.63
CA PHE A 247 -15.91 23.53 12.08
C PHE A 247 -15.57 24.36 10.85
N SER A 248 -14.28 24.59 10.61
CA SER A 248 -13.83 25.45 9.52
C SER A 248 -13.87 24.78 8.15
N LEU A 249 -13.31 23.57 8.10
CA LEU A 249 -13.08 22.88 6.83
C LEU A 249 -14.33 22.58 5.98
N PRO A 250 -15.38 21.97 6.57
CA PRO A 250 -16.50 21.58 5.71
C PRO A 250 -17.21 22.80 5.13
N SER A 251 -17.26 23.88 5.90
CA SER A 251 -17.90 25.11 5.47
C SER A 251 -17.15 25.74 4.30
N ARG A 252 -15.83 25.83 4.43
CA ARG A 252 -15.01 26.48 3.42
C ARG A 252 -15.00 25.69 2.11
N LEU A 253 -15.13 24.38 2.21
CA LEU A 253 -15.15 23.52 1.02
C LEU A 253 -16.55 23.18 0.54
N SER A 254 -17.56 23.76 1.18
CA SER A 254 -18.95 23.61 0.78
C SER A 254 -19.47 22.17 0.87
N ALA A 255 -19.12 21.48 1.96
CA ALA A 255 -19.68 20.16 2.23
C ALA A 255 -21.07 20.31 2.84
N SER A 256 -22.01 19.47 2.41
CA SER A 256 -23.37 19.53 2.91
C SER A 256 -24.07 18.18 2.75
N TYR A 257 -25.17 18.01 3.47
CA TYR A 257 -26.00 16.82 3.31
C TYR A 257 -27.45 17.17 3.60
N VAL A 258 -28.38 16.42 3.01
CA VAL A 258 -29.80 16.66 3.22
C VAL A 258 -30.22 16.03 4.55
N GLY A 259 -30.74 16.85 5.46
CA GLY A 259 -31.17 16.37 6.76
C GLY A 259 -32.42 15.53 6.69
N GLU A 260 -32.76 14.89 7.81
CA GLU A 260 -33.95 14.06 7.92
C GLU A 260 -35.21 14.91 7.78
N ASP A 261 -35.02 16.21 8.02
CA ASP A 261 -36.08 17.21 7.93
C ASP A 261 -36.14 17.77 6.52
N ASN A 262 -35.35 17.17 5.63
CA ASN A 262 -35.26 17.56 4.22
C ASN A 262 -34.66 18.96 3.99
N GLU A 263 -33.77 19.41 4.87
CA GLU A 263 -33.10 20.70 4.68
C GLU A 263 -31.59 20.59 4.69
N ARG A 264 -30.92 21.60 4.17
CA ARG A 264 -29.49 21.57 4.01
C ARG A 264 -28.73 21.67 5.34
N LYS A 265 -27.88 20.70 5.59
CA LYS A 265 -27.07 20.68 6.81
C LYS A 265 -25.58 20.66 6.42
N VAL A 266 -24.72 21.21 7.26
CA VAL A 266 -23.28 21.09 7.08
C VAL A 266 -22.78 19.98 8.01
N PRO A 267 -22.04 19.01 7.47
CA PRO A 267 -21.58 17.89 8.29
C PRO A 267 -20.56 18.31 9.34
N VAL A 268 -20.62 17.69 10.51
CA VAL A 268 -19.58 17.83 11.51
C VAL A 268 -18.40 17.03 11.00
N MET A 269 -17.19 17.58 11.13
CA MET A 269 -16.00 16.86 10.69
C MET A 269 -15.05 16.56 11.85
N ILE A 270 -14.53 15.34 11.85
CA ILE A 270 -13.57 14.92 12.87
C ILE A 270 -12.31 14.37 12.20
N HIS A 271 -11.18 15.01 12.49
CA HIS A 271 -9.89 14.48 12.06
C HIS A 271 -9.47 13.47 13.11
N ARG A 272 -9.05 12.28 12.69
CA ARG A 272 -8.49 11.34 13.65
C ARG A 272 -7.29 10.57 13.11
N ALA A 273 -6.29 10.44 13.97
CA ALA A 273 -5.12 9.64 13.66
C ALA A 273 -4.71 8.90 14.92
N ILE A 274 -4.21 7.68 14.77
CA ILE A 274 -3.84 6.88 15.93
C ILE A 274 -2.32 6.88 16.07
N LEU A 275 -1.65 6.31 15.07
CA LEU A 275 -0.20 6.25 15.06
C LEU A 275 0.44 7.62 14.83
N GLY A 276 -0.22 8.45 14.03
CA GLY A 276 0.41 9.68 13.56
C GLY A 276 1.28 9.32 12.38
N SER A 277 2.42 9.99 12.26
CA SER A 277 3.40 9.59 11.25
C SER A 277 3.78 8.13 11.48
N MET A 278 3.66 7.32 10.44
CA MET A 278 3.94 5.88 10.55
C MET A 278 5.44 5.62 10.55
N GLU A 279 6.19 6.49 9.89
CA GLU A 279 7.65 6.43 9.91
C GLU A 279 8.14 6.68 11.34
N ARG A 280 7.67 7.78 11.92
CA ARG A 280 7.99 8.14 13.29
C ARG A 280 7.60 7.03 14.25
N PHE A 281 6.42 6.44 14.04
CA PHE A 281 5.95 5.36 14.88
C PHE A 281 6.85 4.13 14.74
N ILE A 282 7.38 3.91 13.54
CA ILE A 282 8.34 2.83 13.32
C ILE A 282 9.64 3.11 14.08
N GLY A 283 10.05 4.36 14.14
CA GLY A 283 11.20 4.73 14.95
C GLY A 283 10.97 4.41 16.42
N ILE A 284 9.82 4.88 16.92
CA ILE A 284 9.41 4.65 18.31
C ILE A 284 9.40 3.16 18.64
N LEU A 285 8.82 2.35 17.77
CA LEU A 285 8.77 0.90 17.97
C LEU A 285 10.16 0.29 17.96
N THR A 286 11.00 0.77 17.04
CA THR A 286 12.38 0.31 16.91
C THR A 286 13.13 0.53 18.22
N GLU A 287 12.90 1.68 18.86
CA GLU A 287 13.56 1.94 20.13
C GLU A 287 12.94 1.21 21.32
N GLU A 288 11.62 1.06 21.30
CA GLU A 288 10.88 0.34 22.34
C GLU A 288 11.31 -1.11 22.41
N PHE A 289 11.46 -1.72 21.25
CA PHE A 289 11.84 -3.11 21.15
C PHE A 289 13.35 -3.30 21.07
N ALA A 290 14.06 -2.18 20.95
CA ALA A 290 15.52 -2.17 20.76
C ALA A 290 15.94 -3.11 19.63
N GLY A 291 15.12 -3.16 18.58
CA GLY A 291 15.44 -3.97 17.43
C GLY A 291 14.89 -5.38 17.47
N PHE A 292 14.28 -5.78 18.58
CA PHE A 292 13.68 -7.11 18.58
C PHE A 292 12.23 -6.84 18.31
N PHE A 293 11.82 -7.12 17.09
CA PHE A 293 10.45 -6.84 16.68
C PHE A 293 9.64 -8.08 16.97
N PRO A 294 8.40 -7.88 17.46
CA PRO A 294 7.48 -9.01 17.60
C PRO A 294 7.41 -9.74 16.27
N THR A 295 7.30 -11.07 16.30
CA THR A 295 7.48 -11.89 15.11
C THR A 295 6.64 -11.44 13.91
N TRP A 296 5.45 -10.92 14.18
CA TRP A 296 4.59 -10.42 13.11
C TRP A 296 5.21 -9.23 12.40
N LEU A 297 5.99 -8.43 13.12
CA LEU A 297 6.65 -7.26 12.55
C LEU A 297 8.06 -7.52 12.02
N ALA A 298 8.60 -8.70 12.31
CA ALA A 298 9.97 -9.01 11.94
C ALA A 298 10.13 -9.21 10.44
N PRO A 299 11.10 -8.50 9.85
CA PRO A 299 11.37 -8.58 8.40
C PRO A 299 11.68 -10.01 8.00
N VAL A 300 12.53 -10.68 8.78
CA VAL A 300 12.78 -12.11 8.59
C VAL A 300 12.39 -12.83 9.86
N GLN A 301 11.33 -13.63 9.79
CA GLN A 301 10.80 -14.32 10.96
C GLN A 301 11.60 -15.57 11.32
N VAL A 302 12.09 -16.27 10.30
CA VAL A 302 12.78 -17.54 10.52
C VAL A 302 14.01 -17.67 9.62
N VAL A 303 15.11 -18.16 10.19
CA VAL A 303 16.26 -18.57 9.39
C VAL A 303 16.55 -20.04 9.62
N ILE A 304 16.46 -20.84 8.55
CA ILE A 304 16.76 -22.27 8.59
C ILE A 304 18.18 -22.51 8.11
N MET A 305 18.99 -23.13 8.95
CA MET A 305 20.40 -23.34 8.66
C MET A 305 20.81 -24.81 8.70
N ASN A 306 21.95 -25.10 8.09
CA ASN A 306 22.48 -26.46 8.03
C ASN A 306 23.87 -26.53 8.64
N ILE A 307 24.28 -27.71 9.05
CA ILE A 307 25.65 -27.93 9.51
C ILE A 307 26.52 -28.16 8.28
N THR A 308 26.25 -29.25 7.57
CA THR A 308 26.93 -29.53 6.31
C THR A 308 25.94 -29.50 5.13
N ASP A 309 26.37 -29.78 3.91
CA ASP A 309 25.42 -29.86 2.77
C ASP A 309 24.59 -31.05 2.73
N SER A 310 24.96 -31.98 3.52
CA SER A 310 24.09 -33.15 3.66
C SER A 310 22.66 -32.77 4.02
N GLN A 311 22.51 -31.67 4.76
CA GLN A 311 21.19 -31.17 5.15
C GLN A 311 20.63 -30.12 4.19
N SER A 312 21.46 -29.65 3.25
CA SER A 312 21.10 -28.55 2.35
C SER A 312 19.71 -28.75 1.76
N GLU A 313 19.57 -29.84 1.01
CA GLU A 313 18.30 -30.24 0.42
C GLU A 313 17.19 -30.06 1.45
N TYR A 314 17.30 -30.80 2.56
CA TYR A 314 16.28 -30.77 3.61
C TYR A 314 15.93 -29.31 3.93
N VAL A 315 16.96 -28.50 4.19
CA VAL A 315 16.75 -27.10 4.54
C VAL A 315 15.84 -26.45 3.51
N ASN A 316 16.26 -26.52 2.25
CA ASN A 316 15.50 -25.96 1.15
C ASN A 316 14.05 -26.40 1.20
N GLU A 317 13.84 -27.71 1.36
CA GLU A 317 12.49 -28.26 1.48
C GLU A 317 11.76 -27.43 2.51
N LEU A 318 12.25 -27.49 3.74
CA LEU A 318 11.62 -26.79 4.86
C LEU A 318 11.35 -25.34 4.48
N THR A 319 12.34 -24.72 3.86
CA THR A 319 12.23 -23.29 3.54
C THR A 319 10.97 -23.09 2.72
N GLN A 320 10.87 -23.81 1.60
CA GLN A 320 9.72 -23.66 0.72
C GLN A 320 8.46 -23.85 1.54
N LYS A 321 8.45 -24.92 2.34
CA LYS A 321 7.29 -25.24 3.14
C LYS A 321 6.91 -24.05 4.00
N LEU A 322 7.88 -23.50 4.73
CA LEU A 322 7.59 -22.39 5.62
C LEU A 322 7.14 -21.18 4.84
N SER A 323 7.66 -21.01 3.64
CA SER A 323 7.27 -19.90 2.80
C SER A 323 5.84 -20.11 2.30
N ASN A 324 5.47 -21.37 2.09
CA ASN A 324 4.12 -21.68 1.62
C ASN A 324 3.09 -21.49 2.72
N ALA A 325 3.54 -21.58 3.96
CA ALA A 325 2.66 -21.41 5.11
C ALA A 325 2.52 -19.93 5.49
N GLY A 326 3.19 -19.07 4.72
CA GLY A 326 3.03 -17.64 4.89
C GLY A 326 4.01 -17.02 5.87
N ILE A 327 5.11 -17.71 6.11
CA ILE A 327 6.13 -17.23 7.04
C ILE A 327 7.28 -16.63 6.23
N ARG A 328 7.90 -15.58 6.75
CA ARG A 328 9.03 -15.00 6.06
C ARG A 328 10.26 -15.73 6.58
N VAL A 329 10.86 -16.51 5.69
CA VAL A 329 11.88 -17.46 6.07
C VAL A 329 13.02 -17.39 5.06
N LYS A 330 14.25 -17.46 5.56
CA LYS A 330 15.42 -17.52 4.70
C LYS A 330 16.19 -18.81 5.01
N ALA A 331 16.82 -19.38 3.99
CA ALA A 331 17.74 -20.48 4.22
C ALA A 331 19.16 -19.92 4.26
N ASP A 332 19.93 -20.35 5.25
CA ASP A 332 21.35 -20.00 5.29
C ASP A 332 22.12 -21.27 5.01
N LEU A 333 22.66 -21.37 3.80
CA LEU A 333 23.42 -22.53 3.37
C LEU A 333 24.95 -22.45 3.35
N ARG A 334 25.52 -21.30 3.70
CA ARG A 334 26.95 -21.07 3.50
C ARG A 334 27.79 -22.00 4.36
N ASN A 335 29.05 -22.19 3.98
CA ASN A 335 29.90 -23.02 4.80
C ASN A 335 30.58 -22.07 5.76
N GLU A 336 30.14 -22.17 7.00
CA GLU A 336 30.58 -21.36 8.12
C GLU A 336 30.18 -22.27 9.28
N LYS A 337 30.77 -22.08 10.46
CA LYS A 337 30.36 -22.90 11.59
C LYS A 337 28.92 -22.57 11.96
N ILE A 338 28.23 -23.49 12.61
CA ILE A 338 26.83 -23.30 12.97
C ILE A 338 26.65 -22.17 13.98
N GLY A 339 27.52 -22.13 14.98
CA GLY A 339 27.51 -21.08 15.98
C GLY A 339 27.68 -19.72 15.33
N PHE A 340 28.49 -19.67 14.28
CA PHE A 340 28.70 -18.47 13.48
C PHE A 340 27.37 -17.94 12.96
N LYS A 341 26.64 -18.80 12.25
CA LYS A 341 25.33 -18.46 11.70
C LYS A 341 24.35 -18.01 12.77
N ILE A 342 24.24 -18.81 13.83
CA ILE A 342 23.36 -18.50 14.96
C ILE A 342 23.64 -17.12 15.53
N ARG A 343 24.91 -16.81 15.75
CA ARG A 343 25.30 -15.49 16.26
C ARG A 343 24.95 -14.36 15.29
N GLU A 344 25.27 -14.56 14.01
CA GLU A 344 24.96 -13.55 13.00
C GLU A 344 23.46 -13.21 12.94
N HIS A 345 22.63 -14.25 12.89
CA HIS A 345 21.19 -14.02 12.79
C HIS A 345 20.57 -13.57 14.12
N THR A 346 21.24 -13.90 15.22
CA THR A 346 20.84 -13.40 16.54
C THR A 346 21.05 -11.88 16.58
N LEU A 347 22.18 -11.43 16.07
CA LEU A 347 22.44 -9.99 16.00
C LEU A 347 21.54 -9.26 14.99
N ARG A 348 20.97 -10.02 14.06
CA ARG A 348 20.00 -9.47 13.10
C ARG A 348 18.59 -9.49 13.67
N ARG A 349 18.46 -10.02 14.89
CA ARG A 349 17.20 -10.08 15.61
C ARG A 349 16.13 -10.94 14.89
N VAL A 350 16.57 -11.99 14.21
CA VAL A 350 15.64 -12.95 13.64
C VAL A 350 15.02 -13.74 14.79
N PRO A 351 13.68 -13.72 14.88
CA PRO A 351 12.98 -14.36 16.01
C PRO A 351 13.35 -15.83 16.19
N TYR A 352 13.38 -16.61 15.11
CA TYR A 352 13.60 -18.04 15.23
C TYR A 352 14.67 -18.57 14.27
N MET A 353 15.55 -19.39 14.81
CA MET A 353 16.57 -20.05 14.02
C MET A 353 16.41 -21.57 14.09
N LEU A 354 16.18 -22.19 12.94
CA LEU A 354 15.93 -23.62 12.85
C LEU A 354 17.17 -24.34 12.32
N VAL A 355 17.81 -25.12 13.19
CA VAL A 355 19.05 -25.81 12.86
C VAL A 355 18.77 -27.24 12.39
N CYS A 356 19.36 -27.62 11.26
CA CYS A 356 19.19 -28.95 10.70
C CYS A 356 20.53 -29.69 10.61
N GLY A 357 20.67 -30.74 11.41
CA GLY A 357 21.80 -31.64 11.31
C GLY A 357 21.29 -32.93 10.68
N ASP A 358 22.04 -34.01 10.83
CA ASP A 358 21.65 -35.29 10.26
C ASP A 358 20.44 -35.91 10.96
N LYS A 359 20.40 -35.78 12.28
CA LYS A 359 19.30 -36.33 13.07
C LYS A 359 17.97 -35.63 12.80
N GLU A 360 18.01 -34.32 12.58
CA GLU A 360 16.80 -33.57 12.21
C GLU A 360 16.26 -34.06 10.87
N VAL A 361 17.15 -34.20 9.89
CA VAL A 361 16.79 -34.72 8.57
C VAL A 361 16.15 -36.10 8.69
N GLU A 362 16.83 -37.00 9.39
CA GLU A 362 16.35 -38.37 9.58
C GLU A 362 14.96 -38.37 10.24
N SER A 363 14.82 -37.63 11.33
CA SER A 363 13.60 -37.63 12.12
C SER A 363 12.50 -36.76 11.52
N GLY A 364 12.84 -35.97 10.51
CA GLY A 364 11.90 -35.03 9.93
C GLY A 364 11.56 -33.93 10.92
N LYS A 365 12.57 -33.47 11.64
CA LYS A 365 12.36 -32.41 12.64
C LYS A 365 13.30 -31.22 12.43
N VAL A 366 13.23 -30.26 13.34
CA VAL A 366 14.12 -29.10 13.33
C VAL A 366 14.53 -28.72 14.75
N ALA A 367 15.79 -28.33 14.94
CA ALA A 367 16.24 -27.90 16.28
C ALA A 367 16.00 -26.40 16.44
N VAL A 368 15.14 -26.02 17.39
CA VAL A 368 14.66 -24.64 17.47
C VAL A 368 15.42 -23.75 18.47
N ARG A 369 15.81 -22.58 17.99
CA ARG A 369 16.55 -21.60 18.78
C ARG A 369 15.90 -20.23 18.58
N THR A 370 16.12 -19.31 19.52
CA THR A 370 15.57 -17.96 19.41
C THR A 370 16.66 -16.90 19.51
N ARG A 371 16.35 -15.68 19.08
CA ARG A 371 17.27 -14.56 19.16
C ARG A 371 17.58 -14.15 20.60
N ARG A 372 16.77 -14.62 21.54
CA ARG A 372 16.97 -14.34 22.95
C ARG A 372 18.00 -15.29 23.55
N GLY A 373 18.42 -16.27 22.76
CA GLY A 373 19.45 -17.20 23.18
C GLY A 373 18.92 -18.51 23.72
N LYS A 374 17.61 -18.72 23.57
CA LYS A 374 16.95 -19.91 24.09
C LYS A 374 17.06 -21.09 23.13
N ASP A 375 17.29 -22.27 23.69
CA ASP A 375 17.20 -23.51 22.94
C ASP A 375 15.82 -24.12 23.21
N LEU A 376 14.98 -24.16 22.19
CA LEU A 376 13.62 -24.67 22.33
C LEU A 376 13.56 -26.17 22.04
N GLY A 377 14.72 -26.76 21.80
CA GLY A 377 14.83 -28.20 21.60
C GLY A 377 14.38 -28.68 20.22
N SER A 378 14.39 -30.00 20.04
CA SER A 378 13.92 -30.60 18.79
C SER A 378 12.40 -30.51 18.67
N MET A 379 11.94 -30.13 17.48
CA MET A 379 10.51 -29.95 17.25
C MET A 379 10.03 -30.50 15.92
N ASP A 380 8.80 -31.00 15.93
CA ASP A 380 8.08 -31.38 14.73
C ASP A 380 7.83 -30.15 13.86
N VAL A 381 8.15 -30.25 12.57
CA VAL A 381 8.04 -29.12 11.64
C VAL A 381 6.66 -28.49 11.61
N ASN A 382 5.63 -29.33 11.46
CA ASN A 382 4.25 -28.87 11.42
C ASN A 382 3.83 -28.19 12.71
N GLU A 383 4.35 -28.67 13.84
CA GLU A 383 4.09 -28.04 15.13
C GLU A 383 4.67 -26.63 15.16
N VAL A 384 5.93 -26.50 14.72
CA VAL A 384 6.60 -25.22 14.61
C VAL A 384 5.81 -24.24 13.74
N ILE A 385 5.40 -24.71 12.56
CA ILE A 385 4.60 -23.90 11.64
C ILE A 385 3.30 -23.44 12.29
N GLU A 386 2.62 -24.36 12.97
CA GLU A 386 1.40 -24.02 13.68
C GLU A 386 1.62 -22.92 14.71
N LYS A 387 2.60 -23.10 15.58
CA LYS A 387 2.91 -22.13 16.63
C LYS A 387 3.30 -20.76 16.10
N LEU A 388 4.12 -20.76 15.04
CA LEU A 388 4.53 -19.52 14.39
C LEU A 388 3.34 -18.78 13.81
N GLN A 389 2.47 -19.55 13.16
CA GLN A 389 1.25 -19.01 12.58
C GLN A 389 0.33 -18.41 13.63
N GLN A 390 0.27 -19.04 14.80
CA GLN A 390 -0.53 -18.48 15.90
C GLN A 390 0.11 -17.20 16.43
N GLU A 391 1.43 -17.22 16.62
CA GLU A 391 2.16 -16.04 17.11
C GLU A 391 1.96 -14.84 16.19
N ILE A 392 2.04 -15.08 14.89
CA ILE A 392 1.86 -14.04 13.88
C ILE A 392 0.41 -13.56 13.81
N ARG A 393 -0.53 -14.51 13.67
CA ARG A 393 -1.94 -14.17 13.58
C ARG A 393 -2.47 -13.37 14.78
N SER A 394 -1.96 -13.69 15.97
CA SER A 394 -2.36 -13.00 17.19
C SER A 394 -1.58 -11.72 17.38
N ARG A 395 -0.52 -11.54 16.58
CA ARG A 395 0.41 -10.44 16.74
C ARG A 395 0.94 -10.38 18.16
N SER A 396 1.34 -11.55 18.66
CA SER A 396 1.84 -11.68 20.03
C SER A 396 3.14 -10.91 20.22
N LEU A 397 3.25 -10.22 21.35
CA LEU A 397 4.46 -9.49 21.70
C LEU A 397 5.55 -10.46 22.13
N LYS A 398 5.15 -11.64 22.59
CA LYS A 398 6.09 -12.61 23.14
C LYS A 398 6.30 -13.83 22.25
N GLN A 399 7.53 -14.33 22.26
CA GLN A 399 7.90 -15.52 21.50
C GLN A 399 7.52 -16.80 22.23
N LEU A 400 7.89 -17.94 21.66
CA LEU A 400 7.54 -19.25 22.20
C LEU A 400 8.24 -19.52 23.53
N GLU A 401 7.70 -20.49 24.27
CA GLU A 401 8.24 -20.89 25.58
C GLU A 401 8.24 -19.81 26.67
N GLU A 402 7.04 -19.44 27.12
CA GLU A 402 6.86 -18.67 28.36
C GLU A 402 5.40 -18.61 28.79
N ARG B 2 -18.33 1.16 -23.77
CA ARG B 2 -17.36 0.72 -22.78
C ARG B 2 -16.35 1.81 -22.45
N ASP B 3 -16.84 2.95 -21.95
CA ASP B 3 -15.97 4.04 -21.53
C ASP B 3 -15.67 3.93 -20.03
N HIS B 4 -14.39 3.76 -19.70
CA HIS B 4 -13.99 3.54 -18.31
C HIS B 4 -14.31 4.73 -17.41
N ARG B 5 -14.46 5.91 -18.01
CA ARG B 5 -14.79 7.12 -17.27
C ARG B 5 -16.26 7.07 -16.85
N LYS B 6 -17.14 6.75 -17.80
CA LYS B 6 -18.57 6.59 -17.54
C LYS B 6 -18.83 5.50 -16.50
N ILE B 7 -18.27 4.32 -16.74
CA ILE B 7 -18.40 3.19 -15.81
C ILE B 7 -17.82 3.56 -14.45
N GLY B 8 -16.68 4.26 -14.47
CA GLY B 8 -16.05 4.73 -13.26
C GLY B 8 -16.97 5.61 -12.43
N LYS B 9 -17.70 6.51 -13.09
CA LYS B 9 -18.66 7.35 -12.40
C LYS B 9 -19.83 6.51 -11.89
N GLN B 10 -20.33 5.62 -12.75
CA GLN B 10 -21.49 4.80 -12.41
C GLN B 10 -21.22 3.85 -11.24
N LEU B 11 -19.98 3.36 -11.15
CA LEU B 11 -19.60 2.46 -10.06
C LEU B 11 -18.94 3.17 -8.88
N ASP B 12 -18.83 4.49 -8.98
CA ASP B 12 -18.25 5.31 -7.91
C ASP B 12 -16.81 4.89 -7.60
N LEU B 13 -16.05 4.56 -8.65
CA LEU B 13 -14.67 4.13 -8.50
C LEU B 13 -13.71 5.29 -8.23
N TYR B 14 -13.82 6.35 -9.02
CA TYR B 14 -12.91 7.48 -8.91
C TYR B 14 -13.56 8.76 -9.42
N HIS B 15 -12.84 9.86 -9.30
CA HIS B 15 -13.24 11.12 -9.92
C HIS B 15 -12.02 12.03 -10.07
N MET B 16 -12.12 13.03 -10.94
CA MET B 16 -11.03 13.97 -11.16
C MET B 16 -11.54 15.40 -11.24
N GLN B 17 -10.70 16.36 -10.87
CA GLN B 17 -11.11 17.76 -10.83
C GLN B 17 -10.07 18.65 -11.50
N GLU B 18 -10.46 19.81 -11.89
CA GLU B 18 -9.55 20.75 -12.51
C GLU B 18 -8.45 21.24 -11.59
N GLU B 19 -8.69 21.27 -10.32
CA GLU B 19 -7.68 21.71 -9.37
C GLU B 19 -6.56 20.67 -9.16
N ALA B 20 -6.75 19.49 -9.73
CA ALA B 20 -5.69 18.47 -9.79
C ALA B 20 -5.71 17.72 -11.12
N PRO B 21 -5.35 18.40 -12.23
CA PRO B 21 -5.41 17.80 -13.55
C PRO B 21 -4.54 16.56 -13.69
N GLY B 22 -5.10 15.49 -14.26
CA GLY B 22 -4.34 14.27 -14.48
C GLY B 22 -3.95 13.54 -13.20
N MET B 23 -4.65 13.85 -12.11
CA MET B 23 -4.39 13.19 -10.83
C MET B 23 -5.66 12.69 -10.18
N VAL B 24 -5.68 11.38 -9.91
CA VAL B 24 -6.90 10.67 -9.53
C VAL B 24 -7.29 10.79 -8.06
N PHE B 25 -8.56 11.07 -7.83
CA PHE B 25 -9.12 10.89 -6.50
C PHE B 25 -9.72 9.50 -6.52
N TRP B 26 -9.13 8.58 -5.76
CA TRP B 26 -9.64 7.22 -5.73
C TRP B 26 -10.67 7.09 -4.62
N HIS B 27 -11.91 6.80 -5.02
CA HIS B 27 -12.95 6.56 -4.03
C HIS B 27 -12.71 5.17 -3.43
N ASN B 28 -13.57 4.78 -2.49
CA ASN B 28 -13.38 3.53 -1.76
C ASN B 28 -13.33 2.29 -2.65
N ASP B 29 -14.26 2.20 -3.59
CA ASP B 29 -14.37 1.02 -4.43
C ASP B 29 -13.23 0.91 -5.46
N GLY B 30 -12.95 2.01 -6.15
CA GLY B 30 -11.82 2.07 -7.06
C GLY B 30 -10.53 1.73 -6.34
N TRP B 31 -10.36 2.29 -5.15
CA TRP B 31 -9.17 2.02 -4.36
C TRP B 31 -9.12 0.56 -3.92
N THR B 32 -10.27 -0.04 -3.70
CA THR B 32 -10.33 -1.47 -3.38
C THR B 32 -9.79 -2.27 -4.56
N ILE B 33 -10.21 -1.90 -5.77
CA ILE B 33 -9.68 -2.52 -6.99
C ILE B 33 -8.14 -2.37 -7.06
N PHE B 34 -7.67 -1.14 -6.90
CA PHE B 34 -6.23 -0.85 -6.93
C PHE B 34 -5.47 -1.74 -5.95
N ARG B 35 -5.94 -1.76 -4.69
CA ARG B 35 -5.29 -2.55 -3.64
C ARG B 35 -5.30 -4.04 -3.95
N GLU B 36 -6.38 -4.52 -4.56
CA GLU B 36 -6.43 -5.91 -4.97
C GLU B 36 -5.35 -6.21 -6.02
N LEU B 37 -5.22 -5.30 -6.99
CA LEU B 37 -4.13 -5.40 -7.97
C LEU B 37 -2.78 -5.48 -7.26
N GLU B 38 -2.58 -4.65 -6.25
CA GLU B 38 -1.36 -4.65 -5.49
C GLU B 38 -1.13 -5.99 -4.82
N VAL B 39 -2.17 -6.57 -4.26
CA VAL B 39 -2.07 -7.89 -3.65
C VAL B 39 -1.60 -8.94 -4.67
N PHE B 40 -2.22 -8.93 -5.84
CA PHE B 40 -1.82 -9.82 -6.93
C PHE B 40 -0.34 -9.68 -7.26
N VAL B 41 0.06 -8.44 -7.56
CA VAL B 41 1.45 -8.13 -7.90
C VAL B 41 2.40 -8.62 -6.80
N ARG B 42 2.02 -8.43 -5.54
CA ARG B 42 2.86 -8.86 -4.44
C ARG B 42 3.00 -10.39 -4.35
N SER B 43 1.90 -11.09 -4.63
CA SER B 43 1.99 -12.56 -4.72
C SER B 43 3.02 -12.91 -5.79
N LYS B 44 2.98 -12.17 -6.91
CA LYS B 44 3.98 -12.38 -7.96
C LYS B 44 5.42 -12.09 -7.52
N LEU B 45 5.62 -10.98 -6.81
CA LEU B 45 6.93 -10.57 -6.32
C LEU B 45 7.50 -11.62 -5.40
N LYS B 46 6.64 -12.20 -4.56
CA LYS B 46 7.06 -13.27 -3.68
C LYS B 46 7.46 -14.48 -4.51
N GLU B 47 6.60 -14.86 -5.45
CA GLU B 47 6.88 -16.04 -6.27
C GLU B 47 8.16 -15.92 -7.09
N TYR B 48 8.33 -14.79 -7.76
CA TYR B 48 9.46 -14.57 -8.66
C TYR B 48 10.67 -13.98 -7.93
N GLN B 49 10.54 -13.86 -6.60
CA GLN B 49 11.62 -13.43 -5.72
C GLN B 49 12.18 -12.04 -6.02
N TYR B 50 11.34 -11.03 -5.78
CA TYR B 50 11.73 -9.63 -5.86
C TYR B 50 11.71 -9.03 -4.46
N GLN B 51 12.65 -8.13 -4.16
CA GLN B 51 12.50 -7.29 -2.98
C GLN B 51 11.39 -6.30 -3.25
N GLU B 52 10.79 -5.73 -2.21
CA GLU B 52 9.94 -4.57 -2.39
C GLU B 52 10.43 -3.42 -1.52
N VAL B 53 10.69 -2.28 -2.15
CA VAL B 53 11.21 -1.13 -1.43
C VAL B 53 10.32 0.09 -1.65
N LYS B 54 10.67 1.18 -0.99
CA LYS B 54 9.99 2.46 -1.20
C LYS B 54 11.00 3.59 -1.29
N GLY B 55 11.00 4.30 -2.41
CA GLY B 55 11.91 5.43 -2.58
C GLY B 55 11.27 6.75 -2.22
N PRO B 56 12.10 7.80 -2.03
CA PRO B 56 11.59 9.14 -1.70
C PRO B 56 10.84 9.76 -2.86
N PHE B 57 9.90 10.67 -2.56
N PHE B 57 9.94 10.69 -2.52
CA PHE B 57 9.06 11.24 -3.61
CA PHE B 57 9.02 11.32 -3.47
C PHE B 57 9.77 12.31 -4.44
C PHE B 57 9.73 12.31 -4.38
N MET B 58 10.83 12.88 -3.87
CA MET B 58 11.60 13.88 -4.59
C MET B 58 13.08 13.77 -4.28
N MET B 59 13.92 14.15 -5.23
CA MET B 59 15.36 14.20 -4.98
C MET B 59 15.97 15.45 -5.61
N ASP B 60 17.10 15.86 -5.14
CA ASP B 60 17.67 17.10 -5.54
C ASP B 60 18.10 17.15 -7.02
N ARG B 61 18.22 18.32 -7.57
CA ARG B 61 18.40 18.42 -9.02
C ARG B 61 19.73 17.84 -9.53
N VAL B 62 20.72 17.77 -8.66
CA VAL B 62 22.02 17.19 -9.01
C VAL B 62 21.89 15.72 -9.41
N LEU B 63 21.07 14.97 -8.67
CA LEU B 63 20.81 13.57 -8.97
C LEU B 63 20.19 13.45 -10.37
N TRP B 64 19.15 14.22 -10.60
CA TRP B 64 18.41 14.16 -11.86
C TRP B 64 19.25 14.67 -13.04
N GLU B 65 20.28 15.45 -12.73
CA GLU B 65 21.27 15.81 -13.74
C GLU B 65 22.16 14.61 -14.02
N LYS B 66 22.62 13.94 -12.96
CA LYS B 66 23.45 12.74 -13.07
C LYS B 66 22.80 11.66 -13.92
N THR B 67 21.52 11.42 -13.68
CA THR B 67 20.79 10.35 -14.36
C THR B 67 20.54 10.68 -15.83
N GLY B 68 20.50 11.97 -16.15
CA GLY B 68 20.23 12.40 -17.51
C GLY B 68 18.82 12.93 -17.70
N HIS B 69 18.04 12.90 -16.63
CA HIS B 69 16.67 13.38 -16.68
C HIS B 69 16.61 14.88 -16.93
N TRP B 70 17.63 15.62 -16.48
CA TRP B 70 17.61 17.06 -16.71
C TRP B 70 17.75 17.36 -18.20
N ASP B 71 18.63 16.65 -18.85
CA ASP B 71 18.84 16.72 -20.28
C ASP B 71 17.72 16.21 -21.18
N ASN B 72 17.08 15.12 -20.83
CA ASN B 72 16.05 14.55 -21.67
C ASN B 72 14.61 14.60 -21.19
N TYR B 73 14.40 15.00 -19.96
CA TYR B 73 13.12 14.92 -19.30
C TYR B 73 12.70 16.21 -18.61
N LYS B 74 13.36 17.28 -18.92
CA LYS B 74 13.22 18.50 -18.20
C LYS B 74 11.80 19.00 -18.22
N ASP B 75 11.16 19.01 -19.36
CA ASP B 75 9.82 19.60 -19.41
C ASP B 75 8.75 18.75 -18.71
N ALA B 76 9.05 17.47 -18.50
CA ALA B 76 8.09 16.57 -17.90
C ALA B 76 8.21 16.48 -16.38
N MET B 77 9.16 17.21 -15.80
CA MET B 77 9.40 17.12 -14.36
C MET B 77 8.85 18.31 -13.56
N PHE B 78 8.15 18.01 -12.48
CA PHE B 78 7.72 19.03 -11.53
C PHE B 78 8.90 19.39 -10.63
N THR B 79 9.16 20.67 -10.44
CA THR B 79 10.25 21.11 -9.57
C THR B 79 9.71 21.91 -8.39
N THR B 80 10.41 21.83 -7.27
CA THR B 80 10.02 22.56 -6.07
C THR B 80 11.28 22.84 -5.28
N SER B 81 11.26 23.82 -4.37
CA SER B 81 12.50 24.18 -3.70
C SER B 81 12.39 24.29 -2.18
N SER B 82 13.50 24.00 -1.50
CA SER B 82 13.62 24.26 -0.06
C SER B 82 15.02 24.76 0.26
N GLU B 83 15.09 25.85 1.01
CA GLU B 83 16.36 26.42 1.46
C GLU B 83 17.35 26.60 0.32
N ASN B 84 16.87 27.20 -0.76
CA ASN B 84 17.67 27.49 -1.96
C ASN B 84 18.23 26.24 -2.63
N ARG B 85 17.61 25.10 -2.43
CA ARG B 85 17.96 23.91 -3.14
C ARG B 85 16.77 23.44 -3.94
N GLU B 86 17.00 23.10 -5.20
CA GLU B 86 15.96 22.70 -6.14
C GLU B 86 15.84 21.18 -6.22
N TYR B 87 14.60 20.71 -6.16
CA TYR B 87 14.30 19.29 -6.17
C TYR B 87 13.34 18.97 -7.29
N CYS B 88 13.44 17.75 -7.81
CA CYS B 88 12.48 17.25 -8.76
C CYS B 88 11.65 16.14 -8.10
N ILE B 89 10.34 16.21 -8.31
CA ILE B 89 9.43 15.13 -7.97
C ILE B 89 9.70 14.01 -8.98
N LYS B 90 9.91 12.78 -8.50
CA LYS B 90 10.38 11.70 -9.36
C LYS B 90 9.43 11.28 -10.49
N PRO B 91 9.88 11.45 -11.75
CA PRO B 91 9.24 10.89 -12.94
C PRO B 91 9.43 9.37 -13.00
N MET B 92 10.48 8.88 -12.34
CA MET B 92 10.83 7.46 -12.38
C MET B 92 11.38 6.97 -11.03
N ASN B 93 11.25 5.67 -10.78
CA ASN B 93 11.77 5.07 -9.56
C ASN B 93 13.18 4.51 -9.64
N CYS B 94 13.73 4.44 -10.84
CA CYS B 94 15.01 3.77 -11.09
C CYS B 94 16.20 4.31 -10.28
N PRO B 95 16.44 5.64 -10.33
CA PRO B 95 17.58 6.16 -9.56
C PRO B 95 17.48 5.88 -8.06
N GLY B 96 16.28 5.94 -7.49
CA GLY B 96 16.10 5.63 -6.08
C GLY B 96 16.51 4.21 -5.77
N HIS B 97 16.11 3.30 -6.65
CA HIS B 97 16.47 1.90 -6.52
C HIS B 97 17.98 1.71 -6.60
N VAL B 98 18.64 2.46 -7.48
CA VAL B 98 20.10 2.41 -7.54
C VAL B 98 20.74 2.94 -6.25
N GLN B 99 20.19 4.04 -5.74
CA GLN B 99 20.66 4.63 -4.48
C GLN B 99 20.56 3.62 -3.34
N ILE B 100 19.47 2.84 -3.33
CA ILE B 100 19.31 1.77 -2.35
C ILE B 100 20.35 0.67 -2.59
N PHE B 101 20.57 0.30 -3.85
CA PHE B 101 21.57 -0.69 -4.22
C PHE B 101 22.96 -0.29 -3.72
N ASN B 102 23.27 1.00 -3.80
CA ASN B 102 24.59 1.50 -3.41
C ASN B 102 24.86 1.49 -1.92
N GLN B 103 23.86 1.14 -1.12
CA GLN B 103 24.05 1.08 0.32
C GLN B 103 24.53 -0.31 0.73
N GLY B 104 25.76 -0.37 1.23
CA GLY B 104 26.38 -1.64 1.58
C GLY B 104 27.19 -2.17 0.41
N LEU B 105 28.28 -2.88 0.73
CA LEU B 105 29.10 -3.48 -0.31
C LEU B 105 28.42 -4.69 -0.92
N LYS B 106 28.39 -4.74 -2.25
CA LYS B 106 27.78 -5.85 -2.97
C LYS B 106 28.84 -6.74 -3.57
N SER B 107 28.58 -8.04 -3.62
CA SER B 107 29.43 -8.95 -4.37
C SER B 107 28.58 -9.73 -5.37
N TYR B 108 29.22 -10.59 -6.14
CA TYR B 108 28.53 -11.38 -7.15
C TYR B 108 27.50 -12.32 -6.52
N ARG B 109 27.68 -12.59 -5.23
CA ARG B 109 26.78 -13.48 -4.48
C ARG B 109 25.39 -12.87 -4.30
N ASP B 110 25.32 -11.54 -4.36
CA ASP B 110 24.05 -10.84 -4.19
C ASP B 110 23.28 -10.75 -5.51
N LEU B 111 23.95 -11.06 -6.61
CA LEU B 111 23.34 -11.05 -7.94
C LEU B 111 22.77 -12.43 -8.30
N PRO B 112 21.60 -12.45 -8.98
CA PRO B 112 20.78 -11.30 -9.37
C PRO B 112 20.05 -10.68 -8.18
N LEU B 113 19.98 -9.36 -8.15
CA LEU B 113 19.22 -8.64 -7.13
C LEU B 113 18.00 -8.01 -7.79
N ARG B 114 16.83 -8.46 -7.39
CA ARG B 114 15.59 -7.96 -7.98
C ARG B 114 14.87 -7.04 -6.99
N MET B 115 14.63 -5.80 -7.42
CA MET B 115 14.08 -4.79 -6.54
C MET B 115 12.84 -4.16 -7.15
N ALA B 116 11.70 -4.36 -6.50
CA ALA B 116 10.43 -3.85 -7.03
C ALA B 116 9.84 -2.79 -6.10
N GLU B 117 9.02 -1.93 -6.66
CA GLU B 117 8.31 -0.91 -5.95
C GLU B 117 7.00 -0.60 -6.65
N PHE B 118 5.99 -0.24 -5.91
CA PHE B 118 4.86 0.40 -6.50
C PHE B 118 5.17 1.88 -6.57
N GLY B 119 5.76 2.30 -7.66
CA GLY B 119 6.43 3.58 -7.67
C GLY B 119 5.58 4.75 -8.05
N SER B 120 5.36 5.68 -7.14
CA SER B 120 4.52 6.81 -7.44
C SER B 120 5.27 7.83 -8.23
N CYS B 121 4.84 8.07 -9.43
CA CYS B 121 5.51 8.92 -10.35
C CYS B 121 4.66 10.09 -10.86
N HIS B 122 5.26 11.23 -11.05
CA HIS B 122 4.58 12.40 -11.56
C HIS B 122 5.36 12.97 -12.73
N ARG B 123 4.61 13.14 -13.79
CA ARG B 123 5.08 13.69 -15.00
C ARG B 123 4.17 14.82 -15.43
N ASN B 124 4.75 15.93 -15.80
CA ASN B 124 4.00 17.07 -16.20
C ASN B 124 3.57 17.02 -17.65
N GLU B 125 2.59 16.19 -17.94
CA GLU B 125 2.11 16.02 -19.30
C GLU B 125 1.30 17.23 -19.72
N PRO B 126 1.23 17.53 -20.98
CA PRO B 126 0.40 18.65 -21.43
C PRO B 126 -1.07 18.42 -21.04
N SER B 127 -1.78 19.45 -20.57
CA SER B 127 -3.15 19.29 -20.10
C SER B 127 -4.07 18.80 -21.22
N GLY B 128 -3.74 19.20 -22.45
CA GLY B 128 -4.52 18.81 -23.61
C GLY B 128 -4.45 17.34 -23.93
N SER B 129 -3.40 16.67 -23.44
CA SER B 129 -3.21 15.25 -23.70
C SER B 129 -3.88 14.34 -22.67
N LEU B 130 -4.34 14.92 -21.57
CA LEU B 130 -4.86 14.13 -20.45
C LEU B 130 -6.19 13.46 -20.77
N HIS B 131 -6.24 12.14 -20.64
CA HIS B 131 -7.48 11.39 -20.81
C HIS B 131 -7.69 10.39 -19.68
N GLY B 132 -8.72 10.60 -18.88
CA GLY B 132 -9.18 9.63 -17.88
C GLY B 132 -8.11 9.04 -16.99
N LEU B 133 -8.19 7.72 -16.78
CA LEU B 133 -7.16 6.98 -16.06
C LEU B 133 -5.97 6.67 -16.97
N MET B 134 -6.18 6.77 -18.27
CA MET B 134 -5.19 6.32 -19.26
C MET B 134 -4.02 7.26 -19.51
N ARG B 135 -4.28 8.56 -19.64
CA ARG B 135 -3.20 9.54 -19.69
C ARG B 135 -3.32 10.55 -18.55
N VAL B 136 -2.36 10.48 -17.61
CA VAL B 136 -2.46 11.17 -16.34
C VAL B 136 -1.13 11.82 -15.95
N ARG B 137 -1.13 12.81 -15.10
CA ARG B 137 0.06 13.30 -14.43
C ARG B 137 0.67 12.44 -13.31
N GLY B 138 -0.16 11.86 -12.51
CA GLY B 138 0.27 11.04 -11.42
C GLY B 138 -0.22 9.67 -11.63
N PHE B 139 0.69 8.72 -11.56
CA PHE B 139 0.43 7.32 -11.73
C PHE B 139 1.35 6.42 -10.89
N THR B 140 1.06 5.15 -10.80
CA THR B 140 1.89 4.18 -10.14
C THR B 140 2.28 3.02 -11.04
N GLN B 141 3.58 2.81 -11.22
CA GLN B 141 4.12 1.73 -12.03
C GLN B 141 4.36 0.49 -11.20
N ASP B 142 4.13 -0.65 -11.80
CA ASP B 142 4.59 -1.92 -11.25
C ASP B 142 6.06 -2.10 -11.67
N ASP B 143 6.90 -1.27 -11.11
CA ASP B 143 8.27 -1.07 -11.54
C ASP B 143 9.17 -2.02 -10.79
N ALA B 144 10.12 -2.58 -11.51
CA ALA B 144 11.22 -3.30 -10.96
C ALA B 144 12.56 -3.18 -11.69
N HIS B 145 13.64 -3.43 -10.98
CA HIS B 145 14.94 -3.38 -11.61
C HIS B 145 15.74 -4.59 -11.17
N ILE B 146 16.37 -5.21 -12.15
CA ILE B 146 17.18 -6.38 -11.90
C ILE B 146 18.63 -6.01 -12.11
N PHE B 147 19.43 -6.20 -11.06
CA PHE B 147 20.86 -5.98 -11.12
C PHE B 147 21.50 -7.34 -11.26
N CYS B 148 22.21 -7.58 -12.36
CA CYS B 148 22.78 -8.90 -12.59
C CYS B 148 24.11 -8.81 -13.32
N THR B 149 24.72 -9.97 -13.55
CA THR B 149 25.93 -10.03 -14.34
C THR B 149 25.51 -10.18 -15.80
N GLU B 150 26.46 -10.18 -16.71
CA GLU B 150 26.22 -10.42 -18.11
C GLU B 150 25.73 -11.84 -18.39
N GLU B 151 26.34 -12.79 -17.74
CA GLU B 151 26.00 -14.21 -17.84
C GLU B 151 24.57 -14.51 -17.37
N GLN B 152 24.06 -13.68 -16.46
CA GLN B 152 22.70 -13.88 -15.95
C GLN B 152 21.58 -13.32 -16.83
N ILE B 153 21.93 -12.36 -17.70
CA ILE B 153 20.93 -11.57 -18.44
C ILE B 153 19.83 -12.44 -18.99
N ARG B 154 20.20 -13.35 -19.89
CA ARG B 154 19.25 -14.27 -20.53
C ARG B 154 18.29 -14.82 -19.49
N ASP B 155 18.82 -15.55 -18.50
CA ASP B 155 17.97 -16.19 -17.50
C ASP B 155 16.95 -15.19 -16.96
N GLU B 156 17.44 -14.03 -16.52
CA GLU B 156 16.55 -13.04 -15.93
C GLU B 156 15.49 -12.58 -16.92
N VAL B 157 15.88 -12.32 -18.15
CA VAL B 157 14.96 -11.91 -19.20
C VAL B 157 13.92 -13.00 -19.37
N ASN B 158 14.35 -14.23 -19.28
CA ASN B 158 13.44 -15.30 -19.31
C ASN B 158 12.42 -15.26 -18.23
N GLY B 159 12.84 -14.92 -17.04
CA GLY B 159 11.97 -14.82 -15.92
C GLY B 159 10.92 -13.75 -16.15
N CYS B 160 11.34 -12.64 -16.72
CA CYS B 160 10.44 -11.54 -16.98
C CYS B 160 9.37 -11.92 -17.96
N ILE B 161 9.73 -12.63 -18.99
CA ILE B 161 8.82 -13.05 -20.01
C ILE B 161 7.77 -13.93 -19.42
N ARG B 162 8.18 -14.88 -18.59
CA ARG B 162 7.26 -15.77 -17.96
C ARG B 162 6.31 -14.98 -17.09
N LEU B 163 6.82 -14.03 -16.33
CA LEU B 163 6.04 -13.15 -15.45
C LEU B 163 4.94 -12.49 -16.27
N VAL B 164 5.33 -11.86 -17.38
CA VAL B 164 4.37 -11.15 -18.21
C VAL B 164 3.21 -12.07 -18.56
N TYR B 165 3.53 -13.22 -19.15
CA TYR B 165 2.50 -14.10 -19.66
C TYR B 165 1.71 -14.69 -18.52
N ASP B 166 2.33 -14.80 -17.36
CA ASP B 166 1.59 -15.23 -16.19
C ASP B 166 0.52 -14.19 -15.94
N MET B 167 0.97 -12.97 -15.70
CA MET B 167 0.10 -11.94 -15.15
C MET B 167 -1.04 -11.61 -16.09
N TYR B 168 -0.70 -11.34 -17.34
CA TYR B 168 -1.70 -11.06 -18.37
C TYR B 168 -2.77 -12.15 -18.40
N SER B 169 -2.36 -13.41 -18.36
CA SER B 169 -3.36 -14.42 -18.47
C SER B 169 -4.33 -14.44 -17.31
N THR B 170 -3.93 -13.94 -16.16
CA THR B 170 -4.85 -13.86 -15.02
C THR B 170 -6.06 -12.99 -15.37
N PHE B 171 -5.84 -11.99 -16.21
CA PHE B 171 -6.90 -11.05 -16.55
C PHE B 171 -7.63 -11.46 -17.82
N GLY B 172 -7.20 -12.58 -18.41
CA GLY B 172 -7.84 -13.11 -19.59
C GLY B 172 -7.29 -12.53 -20.88
N PHE B 173 -6.06 -12.03 -20.86
CA PHE B 173 -5.48 -11.57 -22.11
C PHE B 173 -4.54 -12.66 -22.57
N GLU B 174 -4.96 -13.43 -23.57
CA GLU B 174 -4.11 -14.44 -24.20
C GLU B 174 -3.43 -14.00 -25.49
N LYS B 175 -3.82 -12.85 -26.03
CA LYS B 175 -3.29 -12.41 -27.32
C LYS B 175 -2.26 -11.33 -27.10
N ILE B 176 -1.00 -11.68 -27.34
CA ILE B 176 0.10 -10.80 -27.00
C ILE B 176 1.09 -10.65 -28.16
N VAL B 177 1.29 -9.41 -28.58
CA VAL B 177 2.25 -9.09 -29.64
C VAL B 177 3.52 -8.54 -29.01
N VAL B 178 4.66 -9.04 -29.44
CA VAL B 178 5.94 -8.72 -28.81
C VAL B 178 6.90 -8.07 -29.80
N LYS B 179 7.51 -6.95 -29.41
CA LYS B 179 8.43 -6.26 -30.30
C LYS B 179 9.82 -6.10 -29.69
N LEU B 180 10.85 -6.44 -30.48
CA LEU B 180 12.23 -6.32 -30.02
C LEU B 180 12.91 -5.14 -30.69
N SER B 181 13.29 -4.13 -29.91
CA SER B 181 13.95 -2.95 -30.45
C SER B 181 15.46 -2.99 -30.20
N THR B 182 16.21 -2.91 -31.30
CA THR B 182 17.66 -3.02 -31.30
C THR B 182 18.38 -1.68 -31.45
N ARG B 183 19.70 -1.74 -31.52
CA ARG B 183 20.59 -0.57 -31.47
C ARG B 183 20.32 0.53 -32.51
N PRO B 184 20.29 1.79 -32.05
CA PRO B 184 20.29 2.95 -32.95
C PRO B 184 21.72 3.22 -33.42
N GLU B 185 21.90 4.23 -34.28
CA GLU B 185 23.20 4.45 -34.91
C GLU B 185 24.31 4.85 -33.93
N LYS B 186 23.95 5.58 -32.90
CA LYS B 186 24.87 5.94 -31.82
C LYS B 186 24.27 5.51 -30.49
N ARG B 187 25.10 4.94 -29.61
CA ARG B 187 24.60 4.39 -28.35
C ARG B 187 25.65 4.33 -27.25
N ILE B 188 25.18 4.18 -26.02
CA ILE B 188 26.04 3.90 -24.88
C ILE B 188 26.24 2.39 -24.77
N GLY B 189 27.48 1.97 -24.54
CA GLY B 189 27.82 0.56 -24.49
C GLY B 189 28.46 0.07 -25.77
N SER B 190 29.34 -0.91 -25.63
CA SER B 190 30.13 -1.41 -26.77
C SER B 190 29.29 -2.24 -27.71
N ASP B 191 29.79 -2.38 -28.95
CA ASP B 191 29.17 -3.29 -29.91
C ASP B 191 29.00 -4.69 -29.31
N GLU B 192 29.96 -5.14 -28.51
CA GLU B 192 29.92 -6.50 -27.98
C GLU B 192 28.80 -6.61 -26.93
N MET B 193 28.72 -5.61 -26.05
CA MET B 193 27.66 -5.55 -25.04
C MET B 193 26.30 -5.68 -25.71
N TRP B 194 26.09 -4.90 -26.76
CA TRP B 194 24.83 -4.90 -27.51
C TRP B 194 24.58 -6.22 -28.24
N ASP B 195 25.64 -6.81 -28.80
CA ASP B 195 25.53 -8.13 -29.42
C ASP B 195 24.97 -9.13 -28.39
N ARG B 196 25.62 -9.16 -27.25
CA ARG B 196 25.24 -10.07 -26.25
C ARG B 196 23.82 -9.85 -25.73
N ALA B 197 23.47 -8.62 -25.41
CA ALA B 197 22.13 -8.29 -24.92
C ALA B 197 21.04 -8.62 -25.94
N GLU B 198 21.23 -8.20 -27.18
CA GLU B 198 20.26 -8.46 -28.24
C GLU B 198 20.06 -9.96 -28.48
N ALA B 199 21.16 -10.70 -28.52
CA ALA B 199 21.09 -12.16 -28.64
C ALA B 199 20.32 -12.76 -27.47
N ASP B 200 20.58 -12.25 -26.27
CA ASP B 200 19.89 -12.72 -25.07
C ASP B 200 18.39 -12.52 -25.16
N LEU B 201 17.98 -11.32 -25.55
CA LEU B 201 16.56 -11.01 -25.72
C LEU B 201 15.90 -11.93 -26.76
N ALA B 202 16.48 -11.94 -27.97
CA ALA B 202 15.97 -12.74 -29.07
C ALA B 202 15.81 -14.22 -28.71
N VAL B 203 16.88 -14.82 -28.19
CA VAL B 203 16.88 -16.24 -27.83
C VAL B 203 15.92 -16.51 -26.66
N ALA B 204 15.85 -15.57 -25.73
CA ALA B 204 14.89 -15.63 -24.63
C ALA B 204 13.49 -15.79 -25.20
N LEU B 205 13.15 -14.94 -26.16
CA LEU B 205 11.84 -14.99 -26.80
C LEU B 205 11.61 -16.29 -27.58
N GLU B 206 12.60 -16.71 -28.37
CA GLU B 206 12.49 -17.92 -29.17
C GLU B 206 12.25 -19.17 -28.32
N GLU B 207 12.99 -19.27 -27.21
CA GLU B 207 12.91 -20.46 -26.35
C GLU B 207 11.59 -20.56 -25.60
N ASN B 208 10.85 -19.45 -25.53
CA ASN B 208 9.51 -19.45 -24.96
C ASN B 208 8.46 -19.65 -26.05
N ASN B 209 8.92 -19.91 -27.27
CA ASN B 209 8.07 -20.14 -28.43
C ASN B 209 7.21 -18.90 -28.73
N ILE B 210 7.84 -17.74 -28.66
CA ILE B 210 7.15 -16.48 -28.89
C ILE B 210 7.59 -15.84 -30.21
N PRO B 211 6.65 -15.71 -31.15
CA PRO B 211 6.96 -14.99 -32.37
C PRO B 211 7.04 -13.50 -32.04
N PHE B 212 7.99 -12.80 -32.65
CA PHE B 212 8.18 -11.39 -32.34
C PHE B 212 8.69 -10.64 -33.56
N GLU B 213 8.59 -9.32 -33.52
CA GLU B 213 9.07 -8.48 -34.61
C GLU B 213 10.21 -7.60 -34.17
N TYR B 214 11.20 -7.42 -35.03
CA TYR B 214 12.28 -6.49 -34.77
C TYR B 214 11.87 -5.09 -35.18
N GLN B 215 12.04 -4.13 -34.25
CA GLN B 215 12.03 -2.73 -34.63
C GLN B 215 13.49 -2.29 -34.61
N LEU B 216 14.03 -2.07 -35.80
CA LEU B 216 15.46 -1.80 -35.96
C LEU B 216 15.81 -0.35 -35.64
N GLY B 217 16.89 -0.16 -34.89
CA GLY B 217 17.34 1.18 -34.54
C GLY B 217 16.41 1.90 -33.60
N GLU B 218 15.41 1.18 -33.11
CA GLU B 218 14.40 1.76 -32.22
C GLU B 218 14.73 1.56 -30.75
N GLY B 219 15.83 0.87 -30.49
CA GLY B 219 16.30 0.73 -29.12
C GLY B 219 16.72 2.08 -28.58
N ALA B 220 16.68 2.24 -27.27
CA ALA B 220 17.15 3.46 -26.65
C ALA B 220 18.66 3.56 -26.81
N PHE B 221 19.20 4.77 -26.68
CA PHE B 221 20.65 4.93 -26.75
C PHE B 221 21.32 4.18 -25.59
N TYR B 222 20.57 3.98 -24.52
CA TYR B 222 21.09 3.30 -23.33
C TYR B 222 20.89 1.77 -23.29
N GLY B 223 20.09 1.23 -24.20
CA GLY B 223 19.94 -0.22 -24.30
C GLY B 223 18.82 -0.74 -25.18
N PRO B 224 18.91 -2.04 -25.55
CA PRO B 224 17.89 -2.72 -26.36
C PRO B 224 16.67 -3.05 -25.52
N LYS B 225 15.52 -3.31 -26.13
CA LYS B 225 14.35 -3.60 -25.30
C LYS B 225 13.35 -4.58 -25.91
N ILE B 226 12.50 -5.14 -25.06
CA ILE B 226 11.37 -5.93 -25.49
C ILE B 226 10.11 -5.23 -25.00
N GLU B 227 9.09 -5.14 -25.84
CA GLU B 227 7.82 -4.56 -25.42
C GLU B 227 6.65 -5.50 -25.67
N PHE B 228 5.70 -5.47 -24.74
CA PHE B 228 4.57 -6.39 -24.73
C PHE B 228 3.25 -5.64 -24.91
N THR B 229 2.51 -6.00 -25.96
CA THR B 229 1.22 -5.40 -26.25
C THR B 229 0.10 -6.43 -26.16
N LEU B 230 -0.76 -6.29 -25.15
CA LEU B 230 -1.94 -7.14 -25.00
C LEU B 230 -3.08 -6.66 -25.90
N TYR B 231 -3.98 -7.57 -26.24
CA TYR B 231 -5.18 -7.22 -27.00
C TYR B 231 -6.44 -7.54 -26.21
N ASP B 232 -7.35 -6.56 -26.10
CA ASP B 232 -8.56 -6.77 -25.32
C ASP B 232 -9.65 -7.53 -26.09
N CYS B 233 -10.82 -7.69 -25.47
CA CYS B 233 -11.90 -8.45 -26.08
C CYS B 233 -12.48 -7.75 -27.31
N LEU B 234 -12.16 -6.47 -27.46
CA LEU B 234 -12.56 -5.72 -28.65
C LEU B 234 -11.45 -5.74 -29.70
N ASP B 235 -10.37 -6.47 -29.39
CA ASP B 235 -9.20 -6.58 -30.24
C ASP B 235 -8.48 -5.24 -30.40
N ARG B 236 -8.55 -4.42 -29.35
CA ARG B 236 -7.80 -3.16 -29.30
C ARG B 236 -6.42 -3.41 -28.71
N ALA B 237 -5.42 -2.71 -29.23
CA ALA B 237 -4.04 -2.93 -28.78
C ALA B 237 -3.65 -2.02 -27.61
N TRP B 238 -3.12 -2.61 -26.55
CA TRP B 238 -2.59 -1.85 -25.42
C TRP B 238 -1.15 -2.27 -25.13
N GLN B 239 -0.21 -1.34 -25.30
CA GLN B 239 1.18 -1.62 -24.95
CA GLN B 239 1.17 -1.60 -24.95
C GLN B 239 1.35 -1.41 -23.45
N CYS B 240 1.78 -2.45 -22.77
CA CYS B 240 1.88 -2.42 -21.32
C CYS B 240 3.26 -2.81 -20.79
N GLY B 241 3.64 -4.06 -21.02
CA GLY B 241 4.89 -4.57 -20.50
C GLY B 241 6.13 -4.16 -21.27
N THR B 242 7.24 -3.98 -20.55
CA THR B 242 8.54 -3.79 -21.16
C THR B 242 9.67 -4.35 -20.32
N VAL B 243 10.66 -4.90 -21.02
CA VAL B 243 11.95 -5.32 -20.45
C VAL B 243 13.02 -4.51 -21.17
N GLN B 244 13.71 -3.65 -20.43
CA GLN B 244 14.63 -2.66 -21.01
C GLN B 244 16.02 -2.73 -20.39
N LEU B 245 17.02 -3.06 -21.20
CA LEU B 245 18.40 -3.04 -20.74
C LEU B 245 18.89 -1.60 -20.58
N ASP B 246 19.63 -1.34 -19.51
CA ASP B 246 20.22 -0.01 -19.29
C ASP B 246 21.71 -0.09 -19.03
N PHE B 247 22.51 0.44 -19.96
CA PHE B 247 23.96 0.49 -19.80
C PHE B 247 24.42 1.85 -19.27
N SER B 248 23.46 2.75 -19.08
CA SER B 248 23.74 4.13 -18.74
C SER B 248 23.66 4.36 -17.24
N LEU B 249 22.47 4.16 -16.68
CA LEU B 249 22.19 4.45 -15.28
C LEU B 249 23.22 3.96 -14.24
N PRO B 250 23.58 2.66 -14.26
CA PRO B 250 24.47 2.22 -13.17
C PRO B 250 25.86 2.87 -13.15
N SER B 251 26.43 3.17 -14.31
CA SER B 251 27.75 3.80 -14.33
C SER B 251 27.66 5.28 -13.94
N ARG B 252 26.54 5.90 -14.30
CA ARG B 252 26.33 7.31 -13.97
C ARG B 252 26.13 7.48 -12.46
N LEU B 253 25.49 6.49 -11.85
CA LEU B 253 25.25 6.52 -10.40
C LEU B 253 26.30 5.75 -9.58
N SER B 254 27.32 5.23 -10.26
CA SER B 254 28.42 4.51 -9.63
C SER B 254 28.00 3.22 -8.92
N ALA B 255 27.15 2.44 -9.58
CA ALA B 255 26.78 1.12 -9.09
C ALA B 255 27.92 0.14 -9.38
N SER B 256 28.27 -0.69 -8.40
CA SER B 256 29.35 -1.66 -8.59
C SER B 256 29.21 -2.84 -7.64
N TYR B 257 29.91 -3.92 -7.96
CA TYR B 257 29.96 -5.09 -7.09
C TYR B 257 31.31 -5.80 -7.21
N VAL B 258 31.67 -6.55 -6.18
CA VAL B 258 32.89 -7.36 -6.21
C VAL B 258 32.64 -8.63 -7.00
N GLY B 259 33.44 -8.85 -8.04
CA GLY B 259 33.29 -10.05 -8.87
C GLY B 259 33.94 -11.26 -8.23
N GLU B 260 33.84 -12.41 -8.89
CA GLU B 260 34.46 -13.64 -8.41
C GLU B 260 35.97 -13.49 -8.34
N ASP B 261 36.51 -12.67 -9.24
CA ASP B 261 37.94 -12.44 -9.32
C ASP B 261 38.37 -11.37 -8.33
N ASN B 262 37.41 -10.91 -7.52
CA ASN B 262 37.63 -9.85 -6.55
C ASN B 262 37.97 -8.54 -7.23
N GLU B 263 37.52 -8.40 -8.48
CA GLU B 263 37.74 -7.18 -9.23
C GLU B 263 36.43 -6.40 -9.31
N ARG B 264 36.49 -5.09 -9.43
CA ARG B 264 35.31 -4.22 -9.40
C ARG B 264 34.56 -4.33 -10.71
N LYS B 265 33.31 -4.71 -10.61
CA LYS B 265 32.48 -4.89 -11.79
C LYS B 265 31.26 -3.97 -11.72
N VAL B 266 30.77 -3.54 -12.87
CA VAL B 266 29.56 -2.72 -12.93
C VAL B 266 28.39 -3.61 -13.32
N PRO B 267 27.34 -3.65 -12.49
CA PRO B 267 26.23 -4.57 -12.75
C PRO B 267 25.41 -4.17 -13.97
N VAL B 268 24.83 -5.16 -14.65
CA VAL B 268 23.88 -4.91 -15.73
C VAL B 268 22.56 -4.52 -15.08
N MET B 269 21.82 -3.60 -15.68
CA MET B 269 20.53 -3.21 -15.14
C MET B 269 19.39 -3.48 -16.11
N ILE B 270 18.28 -3.99 -15.58
CA ILE B 270 17.08 -4.24 -16.37
C ILE B 270 15.88 -3.58 -15.74
N HIS B 271 15.28 -2.64 -16.45
CA HIS B 271 13.99 -2.10 -16.06
C HIS B 271 12.94 -3.09 -16.54
N ARG B 272 12.06 -3.53 -15.69
CA ARG B 272 10.91 -4.29 -16.12
C ARG B 272 9.60 -3.81 -15.49
N ALA B 273 8.59 -3.72 -16.31
CA ALA B 273 7.24 -3.42 -15.87
C ALA B 273 6.27 -4.28 -16.65
N ILE B 274 5.24 -4.78 -15.97
CA ILE B 274 4.30 -5.69 -16.60
C ILE B 274 3.00 -4.94 -16.94
N LEU B 275 2.33 -4.47 -15.90
CA LEU B 275 1.11 -3.68 -16.07
C LEU B 275 1.40 -2.28 -16.61
N GLY B 276 2.58 -1.75 -16.30
CA GLY B 276 2.87 -0.35 -16.55
C GLY B 276 2.14 0.49 -15.53
N SER B 277 1.53 1.60 -15.97
CA SER B 277 0.71 2.39 -15.08
C SER B 277 -0.47 1.55 -14.61
N MET B 278 -0.64 1.45 -13.30
CA MET B 278 -1.70 0.62 -12.72
C MET B 278 -3.06 1.30 -12.82
N GLU B 279 -3.06 2.63 -12.82
CA GLU B 279 -4.26 3.41 -13.06
C GLU B 279 -4.78 3.10 -14.46
N ARG B 280 -3.89 3.22 -15.43
CA ARG B 280 -4.19 2.92 -16.83
C ARG B 280 -4.67 1.48 -16.98
N PHE B 281 -4.02 0.55 -16.27
CA PHE B 281 -4.40 -0.86 -16.35
C PHE B 281 -5.80 -1.05 -15.79
N ILE B 282 -6.15 -0.27 -14.77
CA ILE B 282 -7.50 -0.30 -14.21
C ILE B 282 -8.52 0.24 -15.21
N GLY B 283 -8.16 1.28 -15.94
CA GLY B 283 -9.04 1.75 -17.02
C GLY B 283 -9.28 0.66 -18.04
N ILE B 284 -8.18 0.06 -18.49
CA ILE B 284 -8.19 -1.03 -19.46
C ILE B 284 -9.07 -2.20 -19.01
N LEU B 285 -8.92 -2.64 -17.76
CA LEU B 285 -9.72 -3.74 -17.22
C LEU B 285 -11.19 -3.35 -17.12
N THR B 286 -11.42 -2.12 -16.67
CA THR B 286 -12.76 -1.57 -16.56
C THR B 286 -13.48 -1.67 -17.89
N GLU B 287 -12.78 -1.33 -18.97
CA GLU B 287 -13.39 -1.42 -20.29
C GLU B 287 -13.50 -2.86 -20.83
N GLU B 288 -12.50 -3.68 -20.50
CA GLU B 288 -12.48 -5.09 -20.90
C GLU B 288 -13.67 -5.85 -20.32
N PHE B 289 -13.96 -5.57 -19.06
CA PHE B 289 -15.00 -6.28 -18.33
C PHE B 289 -16.35 -5.56 -18.41
N ALA B 290 -16.36 -4.40 -19.06
CA ALA B 290 -17.54 -3.55 -19.16
C ALA B 290 -18.15 -3.28 -17.80
N GLY B 291 -17.30 -3.14 -16.79
CA GLY B 291 -17.76 -2.84 -15.46
C GLY B 291 -18.17 -4.05 -14.65
N PHE B 292 -18.14 -5.24 -15.24
CA PHE B 292 -18.36 -6.49 -14.56
C PHE B 292 -17.06 -7.14 -14.06
N PHE B 293 -16.52 -6.65 -12.98
CA PHE B 293 -15.25 -7.11 -12.54
C PHE B 293 -15.33 -8.54 -12.03
N PRO B 294 -14.30 -9.34 -12.22
CA PRO B 294 -14.31 -10.70 -11.69
C PRO B 294 -14.39 -10.64 -10.17
N THR B 295 -14.94 -11.66 -9.53
CA THR B 295 -15.27 -11.59 -8.10
C THR B 295 -14.11 -11.09 -7.25
N TRP B 296 -12.90 -11.58 -7.54
CA TRP B 296 -11.72 -11.17 -6.77
C TRP B 296 -11.42 -9.68 -6.92
N LEU B 297 -11.73 -9.11 -8.08
CA LEU B 297 -11.53 -7.67 -8.29
C LEU B 297 -12.71 -6.78 -7.87
N ALA B 298 -13.87 -7.39 -7.65
CA ALA B 298 -15.08 -6.62 -7.38
C ALA B 298 -14.99 -5.89 -6.04
N PRO B 299 -15.27 -4.58 -6.05
CA PRO B 299 -15.18 -3.78 -4.82
C PRO B 299 -16.11 -4.30 -3.76
N VAL B 300 -17.36 -4.57 -4.15
CA VAL B 300 -18.30 -5.25 -3.29
C VAL B 300 -18.65 -6.60 -3.91
N GLN B 301 -18.20 -7.68 -3.28
CA GLN B 301 -18.40 -9.02 -3.82
C GLN B 301 -19.80 -9.56 -3.57
N VAL B 302 -20.35 -9.25 -2.40
CA VAL B 302 -21.66 -9.76 -2.01
C VAL B 302 -22.52 -8.68 -1.32
N VAL B 303 -23.78 -8.58 -1.71
CA VAL B 303 -24.73 -7.76 -0.97
C VAL B 303 -25.83 -8.65 -0.41
N ILE B 304 -26.07 -8.56 0.90
CA ILE B 304 -27.12 -9.35 1.55
C ILE B 304 -28.31 -8.46 1.88
N MET B 305 -29.47 -8.81 1.36
CA MET B 305 -30.68 -8.00 1.50
C MET B 305 -31.73 -8.70 2.35
N ASN B 306 -32.51 -7.90 3.06
CA ASN B 306 -33.66 -8.39 3.82
C ASN B 306 -34.94 -7.98 3.11
N ILE B 307 -35.96 -8.84 3.18
CA ILE B 307 -37.26 -8.48 2.63
C ILE B 307 -37.91 -7.43 3.53
N THR B 308 -37.98 -7.74 4.82
CA THR B 308 -38.52 -6.82 5.83
C THR B 308 -37.59 -6.74 7.05
N ASP B 309 -38.01 -5.95 8.04
CA ASP B 309 -37.31 -5.81 9.31
C ASP B 309 -37.11 -7.17 10.00
N SER B 310 -38.04 -8.04 9.78
CA SER B 310 -38.02 -9.28 10.47
C SER B 310 -36.77 -10.14 10.19
N GLN B 311 -36.13 -9.99 9.03
CA GLN B 311 -34.89 -10.69 8.67
C GLN B 311 -33.59 -9.94 9.02
N SER B 312 -33.72 -8.68 9.43
CA SER B 312 -32.58 -7.79 9.68
C SER B 312 -31.47 -8.47 10.48
N GLU B 313 -31.83 -8.88 11.69
CA GLU B 313 -30.95 -9.59 12.59
C GLU B 313 -30.21 -10.65 11.79
N TYR B 314 -30.98 -11.59 11.22
CA TYR B 314 -30.41 -12.69 10.45
C TYR B 314 -29.38 -12.18 9.45
N VAL B 315 -29.77 -11.18 8.65
CA VAL B 315 -28.88 -10.63 7.63
C VAL B 315 -27.55 -10.25 8.27
N ASN B 316 -27.63 -9.46 9.33
CA ASN B 316 -26.45 -9.01 10.04
C ASN B 316 -25.54 -10.18 10.35
N GLU B 317 -26.08 -11.24 10.88
CA GLU B 317 -25.32 -12.37 11.28
C GLU B 317 -24.60 -13.00 10.12
N LEU B 318 -25.25 -13.14 9.00
CA LEU B 318 -24.65 -13.64 7.77
C LEU B 318 -23.55 -12.69 7.33
N THR B 319 -23.85 -11.40 7.39
CA THR B 319 -22.91 -10.37 6.95
C THR B 319 -21.60 -10.47 7.71
N GLN B 320 -21.67 -10.71 9.01
CA GLN B 320 -20.45 -10.84 9.79
C GLN B 320 -19.73 -12.11 9.35
N LYS B 321 -20.48 -13.19 9.18
CA LYS B 321 -19.92 -14.50 8.88
C LYS B 321 -19.08 -14.42 7.61
N LEU B 322 -19.73 -14.00 6.53
CA LEU B 322 -19.05 -13.81 5.25
C LEU B 322 -17.89 -12.82 5.38
N SER B 323 -18.05 -11.85 6.27
CA SER B 323 -16.99 -10.86 6.47
C SER B 323 -15.79 -11.53 7.14
N ASN B 324 -16.07 -12.40 8.11
CA ASN B 324 -15.02 -13.11 8.83
C ASN B 324 -14.36 -14.15 7.92
N ALA B 325 -15.05 -14.50 6.84
CA ALA B 325 -14.57 -15.49 5.89
C ALA B 325 -13.73 -14.82 4.82
N GLY B 326 -13.53 -13.51 4.96
CA GLY B 326 -12.67 -12.77 4.05
C GLY B 326 -13.34 -12.39 2.74
N ILE B 327 -14.65 -12.17 2.80
CA ILE B 327 -15.42 -11.74 1.65
C ILE B 327 -15.79 -10.26 1.84
N ARG B 328 -15.83 -9.50 0.74
CA ARG B 328 -16.25 -8.12 0.85
C ARG B 328 -17.75 -8.12 0.67
N VAL B 329 -18.45 -7.81 1.76
CA VAL B 329 -19.88 -8.01 1.82
C VAL B 329 -20.52 -6.82 2.51
N LYS B 330 -21.67 -6.41 2.04
CA LYS B 330 -22.39 -5.37 2.69
C LYS B 330 -23.80 -5.84 2.95
N ALA B 331 -24.45 -5.26 3.92
CA ALA B 331 -25.84 -5.57 4.19
C ALA B 331 -26.67 -4.39 3.71
N ASP B 332 -27.77 -4.67 3.00
CA ASP B 332 -28.70 -3.60 2.68
C ASP B 332 -29.91 -3.80 3.59
N LEU B 333 -29.98 -2.97 4.62
CA LEU B 333 -31.09 -3.00 5.57
C LEU B 333 -32.15 -1.92 5.34
N ARG B 334 -32.01 -1.20 4.25
CA ARG B 334 -32.83 -0.05 4.00
C ARG B 334 -34.29 -0.35 3.95
N ASN B 335 -35.06 0.64 4.30
CA ASN B 335 -36.46 0.54 4.22
C ASN B 335 -36.88 0.88 2.80
N GLU B 336 -36.71 -0.09 1.90
CA GLU B 336 -37.02 -0.04 0.47
C GLU B 336 -37.47 -1.37 0.05
N LYS B 337 -38.14 -1.43 -1.09
CA LYS B 337 -38.62 -2.69 -1.62
C LYS B 337 -37.46 -3.49 -2.12
N ILE B 338 -37.62 -4.79 -2.17
CA ILE B 338 -36.58 -5.69 -2.57
C ILE B 338 -36.13 -5.44 -3.99
N GLY B 339 -37.03 -5.11 -4.87
CA GLY B 339 -36.72 -4.85 -6.27
C GLY B 339 -35.86 -3.61 -6.44
N PHE B 340 -36.07 -2.62 -5.58
CA PHE B 340 -35.27 -1.41 -5.55
C PHE B 340 -33.80 -1.75 -5.29
N LYS B 341 -33.59 -2.49 -4.19
CA LYS B 341 -32.26 -2.93 -3.79
C LYS B 341 -31.60 -3.76 -4.90
N ILE B 342 -32.30 -4.79 -5.35
CA ILE B 342 -31.81 -5.66 -6.42
C ILE B 342 -31.40 -4.86 -7.65
N ARG B 343 -32.21 -3.91 -8.05
CA ARG B 343 -31.84 -3.06 -9.15
C ARG B 343 -30.62 -2.23 -8.90
N GLU B 344 -30.50 -1.60 -7.77
CA GLU B 344 -29.32 -0.80 -7.49
C GLU B 344 -28.06 -1.63 -7.47
N HIS B 345 -28.10 -2.77 -6.85
CA HIS B 345 -26.89 -3.59 -6.78
C HIS B 345 -26.57 -4.30 -8.10
N THR B 346 -27.59 -4.52 -8.91
CA THR B 346 -27.39 -5.05 -10.27
C THR B 346 -26.68 -4.01 -11.13
N LEU B 347 -27.10 -2.75 -10.99
CA LEU B 347 -26.45 -1.67 -11.73
C LEU B 347 -25.01 -1.47 -11.26
N ARG B 348 -24.75 -1.79 -10.00
CA ARG B 348 -23.42 -1.65 -9.40
C ARG B 348 -22.53 -2.82 -9.78
N ARG B 349 -23.10 -3.80 -10.48
CA ARG B 349 -22.40 -4.99 -10.94
C ARG B 349 -21.85 -5.81 -9.76
N VAL B 350 -22.61 -5.87 -8.68
CA VAL B 350 -22.26 -6.73 -7.56
C VAL B 350 -22.43 -8.18 -7.99
N PRO B 351 -21.33 -8.96 -7.97
CA PRO B 351 -21.35 -10.34 -8.44
C PRO B 351 -22.44 -11.18 -7.81
N TYR B 352 -22.62 -11.07 -6.50
CA TYR B 352 -23.61 -11.90 -5.82
C TYR B 352 -24.57 -11.12 -4.92
N MET B 353 -25.86 -11.34 -5.19
CA MET B 353 -26.92 -10.79 -4.36
C MET B 353 -27.61 -11.94 -3.62
N LEU B 354 -27.51 -11.87 -2.29
CA LEU B 354 -28.12 -12.84 -1.42
C LEU B 354 -29.37 -12.22 -0.81
N VAL B 355 -30.47 -12.96 -0.83
CA VAL B 355 -31.74 -12.46 -0.31
C VAL B 355 -32.18 -13.35 0.85
N CYS B 356 -32.58 -12.71 1.94
CA CYS B 356 -33.08 -13.41 3.11
C CYS B 356 -34.55 -13.07 3.36
N GLY B 357 -35.42 -14.05 3.15
CA GLY B 357 -36.82 -13.92 3.53
C GLY B 357 -37.04 -14.74 4.78
N ASP B 358 -38.29 -14.82 5.23
CA ASP B 358 -38.62 -15.61 6.41
C ASP B 358 -38.26 -17.08 6.23
N LYS B 359 -38.47 -17.59 5.01
CA LYS B 359 -38.10 -18.96 4.66
C LYS B 359 -36.61 -19.18 4.95
N GLU B 360 -35.79 -18.21 4.56
CA GLU B 360 -34.34 -18.32 4.73
C GLU B 360 -33.92 -18.28 6.19
N VAL B 361 -34.54 -17.39 6.97
CA VAL B 361 -34.28 -17.31 8.40
C VAL B 361 -34.66 -18.62 9.08
N GLU B 362 -35.76 -19.22 8.62
CA GLU B 362 -36.22 -20.49 9.16
C GLU B 362 -35.29 -21.65 8.80
N SER B 363 -34.83 -21.69 7.56
CA SER B 363 -34.03 -22.83 7.06
C SER B 363 -32.53 -22.69 7.30
N GLY B 364 -32.06 -21.50 7.65
CA GLY B 364 -30.64 -21.26 7.82
C GLY B 364 -29.91 -21.21 6.50
N LYS B 365 -30.64 -20.85 5.44
CA LYS B 365 -30.08 -20.78 4.09
C LYS B 365 -30.06 -19.34 3.56
N VAL B 366 -29.64 -19.19 2.31
CA VAL B 366 -29.72 -17.90 1.62
C VAL B 366 -30.23 -18.08 0.19
N ALA B 367 -31.08 -17.18 -0.28
CA ALA B 367 -31.47 -17.19 -1.69
C ALA B 367 -30.35 -16.53 -2.48
N VAL B 368 -29.78 -17.23 -3.46
CA VAL B 368 -28.62 -16.71 -4.19
C VAL B 368 -28.95 -16.38 -5.63
N ARG B 369 -28.60 -15.15 -6.03
CA ARG B 369 -28.72 -14.74 -7.42
C ARG B 369 -27.51 -13.89 -7.84
N THR B 370 -27.31 -13.71 -9.14
CA THR B 370 -26.13 -13.00 -9.63
C THR B 370 -26.50 -11.67 -10.31
N ARG B 371 -25.49 -10.94 -10.76
CA ARG B 371 -25.70 -9.68 -11.47
C ARG B 371 -26.10 -9.93 -12.91
N ARG B 372 -25.93 -11.19 -13.33
CA ARG B 372 -26.34 -11.62 -14.66
C ARG B 372 -27.81 -12.03 -14.64
N GLY B 373 -28.39 -12.05 -13.45
CA GLY B 373 -29.78 -12.44 -13.29
C GLY B 373 -29.96 -13.94 -13.33
N LYS B 374 -28.97 -14.66 -12.80
CA LYS B 374 -29.09 -16.10 -12.64
C LYS B 374 -29.53 -16.40 -11.22
N ASP B 375 -30.60 -17.16 -11.07
CA ASP B 375 -31.10 -17.51 -9.75
C ASP B 375 -30.45 -18.83 -9.37
N LEU B 376 -29.55 -18.78 -8.40
CA LEU B 376 -28.85 -19.97 -7.95
C LEU B 376 -29.68 -20.63 -6.85
N GLY B 377 -30.70 -19.92 -6.39
CA GLY B 377 -31.66 -20.50 -5.47
C GLY B 377 -31.16 -20.64 -4.05
N SER B 378 -31.81 -21.46 -3.27
CA SER B 378 -31.53 -21.49 -1.88
C SER B 378 -30.36 -22.39 -1.56
N MET B 379 -29.31 -21.83 -1.00
CA MET B 379 -28.08 -22.57 -0.75
C MET B 379 -27.68 -22.46 0.72
N ASP B 380 -27.02 -23.50 1.22
CA ASP B 380 -26.44 -23.48 2.56
CA ASP B 380 -26.45 -23.46 2.56
C ASP B 380 -25.34 -22.43 2.64
N VAL B 381 -25.30 -21.68 3.74
CA VAL B 381 -24.36 -20.58 3.90
C VAL B 381 -22.89 -20.97 3.72
N ASN B 382 -22.46 -22.02 4.43
CA ASN B 382 -21.08 -22.50 4.34
C ASN B 382 -20.69 -22.93 2.93
N GLU B 383 -21.65 -23.46 2.18
CA GLU B 383 -21.43 -23.81 0.78
C GLU B 383 -21.12 -22.57 -0.04
N VAL B 384 -21.97 -21.56 0.11
CA VAL B 384 -21.79 -20.27 -0.56
C VAL B 384 -20.43 -19.69 -0.21
N ILE B 385 -20.06 -19.78 1.06
CA ILE B 385 -18.79 -19.24 1.55
C ILE B 385 -17.58 -19.92 0.92
N GLU B 386 -17.60 -21.23 0.92
CA GLU B 386 -16.58 -22.03 0.35
C GLU B 386 -16.40 -21.79 -1.14
N LYS B 387 -17.50 -21.72 -1.81
CA LYS B 387 -17.54 -21.47 -3.25
C LYS B 387 -17.00 -20.09 -3.59
N LEU B 388 -17.39 -19.09 -2.82
CA LEU B 388 -16.92 -17.72 -3.00
C LEU B 388 -15.42 -17.61 -2.76
N GLN B 389 -14.97 -18.27 -1.69
CA GLN B 389 -13.56 -18.29 -1.30
C GLN B 389 -12.73 -18.97 -2.38
N GLN B 390 -13.27 -20.05 -2.96
CA GLN B 390 -12.59 -20.73 -4.06
C GLN B 390 -12.51 -19.83 -5.28
N GLU B 391 -13.61 -19.14 -5.57
CA GLU B 391 -13.65 -18.22 -6.70
C GLU B 391 -12.63 -17.08 -6.55
N ILE B 392 -12.45 -16.62 -5.31
CA ILE B 392 -11.54 -15.52 -5.02
C ILE B 392 -10.07 -15.95 -5.03
N ARG B 393 -9.78 -17.08 -4.38
CA ARG B 393 -8.43 -17.61 -4.29
C ARG B 393 -7.85 -17.93 -5.66
N SER B 394 -8.69 -18.46 -6.54
CA SER B 394 -8.28 -18.84 -7.88
C SER B 394 -8.23 -17.62 -8.81
N ARG B 395 -8.76 -16.50 -8.32
CA ARG B 395 -8.93 -15.30 -9.13
C ARG B 395 -9.64 -15.64 -10.44
N SER B 396 -10.71 -16.41 -10.32
CA SER B 396 -11.47 -16.88 -11.47
C SER B 396 -12.08 -15.73 -12.27
N LEU B 397 -12.07 -15.86 -13.59
CA LEU B 397 -12.67 -14.89 -14.49
C LEU B 397 -14.19 -15.03 -14.51
N LYS B 398 -14.66 -16.25 -14.25
CA LYS B 398 -16.07 -16.58 -14.38
C LYS B 398 -16.73 -16.88 -13.04
N GLN B 399 -18.03 -16.60 -12.96
CA GLN B 399 -18.78 -16.79 -11.71
C GLN B 399 -19.33 -18.21 -11.58
N LEU B 400 -20.18 -18.42 -10.56
CA LEU B 400 -20.84 -19.70 -10.38
C LEU B 400 -21.83 -19.93 -11.51
N GLU B 401 -21.84 -21.15 -12.05
CA GLU B 401 -22.68 -21.47 -13.19
C GLU B 401 -22.32 -20.61 -14.40
N GLU B 402 -21.02 -20.53 -14.70
CA GLU B 402 -20.53 -19.81 -15.87
C GLU B 402 -19.41 -20.59 -16.56
ZN ZN C . -7.20 15.99 8.55
C1 2CR D . -3.64 17.54 12.31
C2 2CR D . -2.21 17.24 12.77
C3 2CR D . -2.23 15.81 13.26
C4 2CR D . -3.48 15.17 12.72
C5 2CR D . -4.45 16.31 12.64
C6 2CR D . -4.33 18.78 12.83
C7 2CR D . -5.79 18.76 12.42
C8 2CR D . -6.31 19.73 11.43
C9 2CR D . -6.35 19.71 10.11
C10 2CR D . -6.99 20.93 9.71
C11 2CR D . -7.46 21.58 8.69
C12 2CR D . -7.46 21.30 7.49
C13 2CR D . -8.04 22.89 9.12
C14 2CR D . -7.20 24.09 8.72
C15 2CR D . -7.87 25.34 9.19
C16 2CR D . -5.83 24.00 9.35
C17 2CR D . -4.88 25.14 9.03
C18 2CR D . -4.87 25.39 7.53
C19 2CR D . -3.49 24.92 9.58
C20 2CR D . -3.36 25.02 11.07
C21 2CR D . -3.68 26.44 11.55
C22 2CR D . -2.00 24.60 11.54
C23 2CR D . -1.83 24.42 13.05
C24 2CR D . -0.37 24.23 13.32
C25 2CR D . -2.54 23.25 13.71
C26 2CR D . -2.57 22.04 12.81
C27 2CR D . -3.29 20.83 13.32
O28 2CR D . -3.48 20.58 14.44
O29 2CR D . -3.68 19.91 12.39
C30 2CR D . -1.26 17.36 11.64
O31 2CR D . -0.23 17.92 11.79
O32 2CR D . -1.57 16.94 10.57
O33 2CR D . -9.35 22.98 8.67
O34 2CR D . -3.83 23.60 14.10
N35 2CR D . -7.52 21.21 6.38
C1 GOL E . -18.25 9.72 -2.66
O1 GOL E . -18.29 10.62 -1.57
C2 GOL E . -18.52 8.31 -2.17
O2 GOL E . -17.54 7.42 -2.67
C3 GOL E . -18.53 8.26 -0.64
O3 GOL E . -18.91 6.96 -0.25
C1 GOL F . 8.94 6.86 1.32
O1 GOL F . 9.90 7.90 1.35
C2 GOL F . 7.78 7.24 2.23
O2 GOL F . 6.61 6.57 1.81
C3 GOL F . 8.09 6.84 3.66
O3 GOL F . 8.93 7.79 4.27
ZN ZN G . 13.59 2.25 -14.26
C1 2CR H . 10.63 3.12 -18.77
C2 2CR H . 9.26 3.54 -19.29
C3 2CR H . 8.32 2.41 -18.96
C4 2CR H . 9.06 1.41 -18.15
C5 2CR H . 10.52 1.70 -18.33
C6 2CR H . 11.77 3.38 -19.71
C7 2CR H . 13.03 2.77 -19.15
C8 2CR H . 14.18 3.63 -18.81
C9 2CR H . 14.39 4.32 -17.73
C10 2CR H . 15.67 4.94 -17.86
C11 2CR H . 16.58 5.58 -17.17
C12 2CR H . 16.61 5.97 -15.99
C13 2CR H . 17.70 5.88 -18.09
C14 2CR H . 17.79 7.31 -18.52
C15 2CR H . 18.94 7.45 -19.49
C16 2CR H . 16.48 7.76 -19.12
C17 2CR H . 16.37 9.21 -19.59
C18 2CR H . 16.66 10.22 -18.50
C19 2CR H . 14.99 9.49 -20.15
C20 2CR H . 14.67 8.85 -21.49
C21 2CR H . 15.64 9.30 -22.53
C22 2CR H . 13.27 9.24 -21.90
C23 2CR H . 12.75 8.47 -23.11
C24 2CR H . 11.45 9.09 -23.50
C25 2CR H . 12.62 6.96 -22.94
C26 2CR H . 12.11 6.58 -21.57
C27 2CR H . 11.94 5.10 -21.32
O28 2CR H . 11.84 4.27 -22.16
O29 2CR H . 11.92 4.73 -19.96
C30 2CR H . 8.79 4.79 -18.62
O31 2CR H . 8.21 5.63 -19.25
O32 2CR H . 9.02 4.98 -17.47
O33 2CR H . 18.85 5.45 -17.46
O34 2CR H . 13.83 6.29 -23.21
N35 2CR H . 16.76 6.39 -14.95
C1 GOL I . 21.93 23.05 -21.13
O1 GOL I . 22.65 22.24 -22.03
C2 GOL I . 20.63 22.34 -20.77
O2 GOL I . 19.82 23.18 -20.01
C3 GOL I . 20.96 21.08 -19.96
O3 GOL I . 20.02 20.08 -20.26
C1 GOL J . -1.85 7.68 -6.58
O1 GOL J . -1.57 6.61 -5.72
C2 GOL J . -3.32 7.63 -7.03
O2 GOL J . -3.35 7.60 -8.44
C3 GOL J . -3.97 8.93 -6.59
O3 GOL J . -3.47 9.97 -7.39
C1 GOL K . 20.92 -3.55 -0.60
O1 GOL K . 20.83 -2.28 -1.22
C2 GOL K . 19.52 -4.13 -0.46
O2 GOL K . 19.56 -5.53 -0.70
C3 GOL K . 19.07 -3.87 0.97
O3 GOL K . 19.35 -2.54 1.30
#